data_9FYR
#
_entry.id   9FYR
#
_cell.length_a   1.00
_cell.length_b   1.00
_cell.length_c   1.00
_cell.angle_alpha   90.00
_cell.angle_beta   90.00
_cell.angle_gamma   90.00
#
_symmetry.space_group_name_H-M   'P 1'
#
loop_
_entity.id
_entity.type
_entity.pdbx_description
1 polymer 'Synaptic vesicle glycoprotein 2A'
2 polymer 'Tetanus toxin heavy chain'
3 polymer 'Pro-Macrobody 5,Maltose/maltodextrin-binding periplasmic protein,Maltose/maltodextrin-binding periplasmic protein'
4 branched 2-acetamido-2-deoxy-beta-D-glucopyranose-(1-4)-[alpha-L-fucopyranose-(1-6)]2-acetamido-2-deoxy-beta-D-glucopyranose
5 branched 2-acetamido-2-deoxy-beta-D-glucopyranose-(1-4)-2-acetamido-2-deoxy-beta-D-glucopyranose
6 non-polymer 2-acetamido-2-deoxy-beta-D-glucopyranose
7 non-polymer omega-undecylenyl-beta-D-maltopyranoside
8 non-polymer (2S)-2-(2-oxidanylidenepyrrolidin-1-yl)butanamide
#
loop_
_entity_poly.entity_id
_entity_poly.type
_entity_poly.pdbx_seq_one_letter_code
_entity_poly.pdbx_strand_id
1 'polypeptide(L)'
;MEEGFRDRAAFIRGAKDIAKEVKKHAAKKVVKGLDRVQDEYSRRSYSRFEEEDDDDDFPAPADGYYRGEGAQDEEEGGAS
SDATEGHDEDDEIYEGEYQGIPRAESGGKGERMADGAPLAGVRGGLGDGEGPPGGRGEAQRRKEREELAQQYEAILRECG
HGRFQWTLYFVLGLALMADGVEVFVVGFVLPSAEKDMCLSDSNKGMLGLIVYLGMMVGAFLWGGLADRLGRRQCLLISLS
VNSVFAFFSSFVQGYGTFLFCRLLSGVGIGGSIPIVFSYFSEFLAQEKRGEHLSWLCMFWMIGGVYAAAMAWAIIPHYGW
SFQMGSAYQFHSWRVFVLVCAFPSVFAIGALTTQPESPRFFLENGKHDEAWMVLKQVHDTNMRAKGHPERVFSVTHIKTI
HQEDELIEIQSDTGAWYQRWGVRALSLGGQVWGNFLSCFGPEYRRITLMMMGVWFTMSFSYYGLTVWFPDMIRHLQAVDY
AARTKVFPGERVEHVTFNFTLENQIHRGGQYFNDKFIGLRLKSVSFEDSLFEECYFEDVTSSNTFFRNCTFINTVFYNTD
LFEYKFVNSRLVNSTFLHNKEGCPLDVTGTGEGAYMVYFVSFLGTLAVLPGNIVSALLMDKIGRLRMLAGSSVMSCVSCF
FLSFGNSESAMIALLCLFGGVSIASWNALDVLTVELYPSDKRTTAFGFLNALCKLAAVLGISIFTSFVGITKAAPILFAS
AALALGSSLALKLPETRGQVLQ
;
A
2 'polypeptide(L)'
;MGKHHHHHHHHHHGSASLEVLFQGPSHMEDIDVILKKSTILNLDINNDIISDISGFNSSVITYPDAQLVPGINGKAIHLV
NNESSEVIVHKAMDIEYNDMFNNFTVSFWLRVPKVSASHLEQYGTNEYSIISSMKKHSLSIGSGWSVSLKGNNLIWTLKD
SAGEVRQITFRDLPDKFNAYLANKWVFITITNDRLSSANLYINGVLMGSAEITGLGAIREDNNITLKLDRCNNNNQYVSI
DKFRIFCKALNPKEIEKLYTSYLSITFLRDFWGNPLRYDTEYYLIPVASSSKDVQLKNITDYMYLTNAPSYTNGKLNIYY
RRLYNGLKFIIKRYTPNNEIDSFVKSGDFIKLYVSYNNNEHIVGYPKDGNAFNNLDRILRVGYNAPGIPLYKKMEAVKLR
DLKTYSVQLKLYDDKNASLGLVGTHNGQIGNDPNRDILIASNWYFNHLKDKILGCDWYFVPTDEGWTND
;
C
3 'polypeptide(L)'
;GPSQVQLVESGGGLVQAGGSLRLSCAASGRTFSRFIMGWFRQAPGKEREFVAAVGKSGDTTYYADSMSGRFAISRDNAKN
TVYLQMISLKPEDTAVYYCAADSSYFYHTHESEYDYWGQGTQVTVPPLVIWINGDKGYNGLAEVGKKFEKDTGIKVTVEH
PDKLEEKFPQVAATGDGPDIIFWAHDRFGGYAQSGLLAEITPDKAFQDKLYPFTWDAVRYNGKLIAYPIAVEALSLIYNK
DLLPNPPKTWEEIPALDKELKAKGKSALMFNLQEPYFTWPLIAADGGYAFKYENGKYDIKDVGVDNAGAKAGLTFLVDLI
KNKHMNADTDYSIAEAAFNKGETAMTINGPWAWSNIDTSKVNYGVTVLPTFKGQPSKPFVGVLSAGINAASPNKELAKEF
LENYLLTDEGLEAVNKDKPLGAVALKSYEEELAKDPRIAATMENAQKGEIMPNIPQMSAFWYAVRTAVINAASGRQTVDE
ALKDAQTPGA
;
D
#
loop_
_chem_comp.id
_chem_comp.type
_chem_comp.name
_chem_comp.formula
6UZ non-polymer omega-undecylenyl-beta-D-maltopyranoside 'C23 H42 O11'
FUC L-saccharide, alpha linking alpha-L-fucopyranose 'C6 H12 O5'
NAG D-saccharide, beta linking 2-acetamido-2-deoxy-beta-D-glucopyranose 'C8 H15 N O6'
UKX non-polymer (2S)-2-(2-oxidanylidenepyrrolidin-1-yl)butanamide 'C8 H14 N2 O2'
#
# COMPACT_ATOMS: atom_id res chain seq x y z
N ARG A 145 -57.38 -26.43 13.33
CA ARG A 145 -55.98 -26.24 12.97
C ARG A 145 -55.08 -27.03 13.90
N GLU A 146 -55.39 -26.99 15.19
CA GLU A 146 -54.60 -27.71 16.17
C GLU A 146 -54.81 -29.22 16.06
N GLU A 147 -55.96 -29.65 15.53
CA GLU A 147 -56.22 -31.08 15.40
C GLU A 147 -55.44 -31.68 14.24
N LEU A 148 -55.30 -30.94 13.14
CA LEU A 148 -54.57 -31.46 11.99
C LEU A 148 -53.10 -31.68 12.34
N ALA A 149 -52.51 -30.75 13.09
CA ALA A 149 -51.10 -30.85 13.42
C ALA A 149 -50.78 -32.09 14.24
N GLN A 150 -51.64 -32.43 15.20
CA GLN A 150 -51.41 -33.62 16.02
C GLN A 150 -51.36 -34.87 15.15
N GLN A 151 -52.27 -34.98 14.18
CA GLN A 151 -52.27 -36.13 13.30
C GLN A 151 -51.02 -36.16 12.43
N TYR A 152 -50.66 -35.01 11.84
CA TYR A 152 -49.51 -34.97 10.95
C TYR A 152 -48.22 -35.30 11.69
N GLU A 153 -48.09 -34.86 12.93
CA GLU A 153 -46.91 -35.19 13.71
C GLU A 153 -46.78 -36.70 13.90
N ALA A 154 -47.91 -37.39 14.06
CA ALA A 154 -47.87 -38.83 14.28
C ALA A 154 -47.38 -39.59 13.05
N ILE A 155 -47.74 -39.13 11.86
CA ILE A 155 -47.33 -39.83 10.65
C ILE A 155 -45.82 -39.81 10.50
N LEU A 156 -45.22 -38.64 10.71
CA LEU A 156 -43.76 -38.53 10.66
C LEU A 156 -43.09 -39.17 11.86
N ARG A 157 -43.71 -39.10 13.04
CA ARG A 157 -43.13 -39.70 14.23
C ARG A 157 -43.11 -41.22 14.16
N GLU A 158 -44.12 -41.84 13.54
CA GLU A 158 -44.12 -43.29 13.41
C GLU A 158 -43.14 -43.76 12.35
N CYS A 159 -43.12 -43.08 11.19
CA CYS A 159 -42.24 -43.51 10.11
C CYS A 159 -40.78 -43.34 10.48
N GLY A 160 -40.44 -42.25 11.16
CA GLY A 160 -39.08 -42.02 11.61
C GLY A 160 -38.22 -41.34 10.56
N HIS A 161 -36.99 -41.06 10.97
CA HIS A 161 -36.00 -40.38 10.13
C HIS A 161 -35.28 -41.45 9.33
N GLY A 162 -35.40 -41.37 8.00
CA GLY A 162 -34.85 -42.35 7.09
C GLY A 162 -34.04 -41.69 5.99
N ARG A 163 -33.97 -42.36 4.84
CA ARG A 163 -33.19 -41.84 3.72
C ARG A 163 -33.76 -40.52 3.21
N PHE A 164 -35.09 -40.35 3.29
CA PHE A 164 -35.70 -39.17 2.68
C PHE A 164 -35.23 -37.89 3.36
N GLN A 165 -35.16 -37.90 4.69
CA GLN A 165 -34.74 -36.69 5.38
C GLN A 165 -33.31 -36.32 5.00
N TRP A 166 -32.42 -37.32 4.90
CA TRP A 166 -31.03 -37.04 4.54
C TRP A 166 -30.92 -36.55 3.10
N THR A 167 -31.64 -37.18 2.18
CA THR A 167 -31.60 -36.73 0.79
C THR A 167 -32.05 -35.29 0.68
N LEU A 168 -33.15 -34.94 1.36
CA LEU A 168 -33.63 -33.58 1.33
C LEU A 168 -32.64 -32.63 1.98
N TYR A 169 -32.00 -33.05 3.08
CA TYR A 169 -30.99 -32.24 3.72
C TYR A 169 -29.90 -31.86 2.74
N PHE A 170 -29.43 -32.81 1.94
CA PHE A 170 -28.35 -32.51 1.01
C PHE A 170 -28.83 -31.63 -0.14
N VAL A 171 -29.98 -31.95 -0.74
CA VAL A 171 -30.43 -31.17 -1.89
C VAL A 171 -30.89 -29.77 -1.49
N LEU A 172 -31.05 -29.49 -0.20
CA LEU A 172 -31.33 -28.13 0.27
C LEU A 172 -30.07 -27.42 0.75
N GLY A 173 -29.13 -28.18 1.32
CA GLY A 173 -27.83 -27.61 1.61
C GLY A 173 -27.14 -27.12 0.36
N LEU A 174 -27.46 -27.72 -0.79
CA LEU A 174 -26.95 -27.18 -2.05
C LEU A 174 -27.39 -25.75 -2.28
N ALA A 175 -28.67 -25.43 -2.08
CA ALA A 175 -29.14 -24.05 -2.20
C ALA A 175 -28.53 -23.11 -1.17
N LEU A 176 -28.41 -23.56 0.07
CA LEU A 176 -27.72 -22.71 1.05
C LEU A 176 -26.27 -22.47 0.66
N MET A 177 -25.60 -23.48 0.09
CA MET A 177 -24.25 -23.31 -0.42
C MET A 177 -24.24 -22.26 -1.53
N ALA A 178 -25.24 -22.28 -2.41
CA ALA A 178 -25.31 -21.29 -3.47
C ALA A 178 -25.38 -19.89 -2.88
N ASP A 179 -26.19 -19.72 -1.83
CA ASP A 179 -26.26 -18.41 -1.17
C ASP A 179 -24.91 -18.02 -0.58
N GLY A 180 -24.25 -18.95 0.11
CA GLY A 180 -22.98 -18.65 0.72
C GLY A 180 -21.93 -18.28 -0.29
N VAL A 181 -21.99 -18.87 -1.48
CA VAL A 181 -21.07 -18.47 -2.55
C VAL A 181 -21.43 -17.10 -3.07
N GLU A 182 -22.72 -16.85 -3.30
CA GLU A 182 -23.13 -15.58 -3.91
C GLU A 182 -22.78 -14.39 -3.04
N VAL A 183 -22.68 -14.58 -1.73
CA VAL A 183 -22.46 -13.42 -0.86
C VAL A 183 -21.08 -12.78 -1.06
N PHE A 184 -20.08 -13.55 -1.48
CA PHE A 184 -18.69 -13.07 -1.57
C PHE A 184 -18.21 -12.75 -2.98
N VAL A 185 -19.03 -12.99 -4.01
CA VAL A 185 -18.55 -12.88 -5.39
C VAL A 185 -18.09 -11.47 -5.70
N VAL A 186 -18.93 -10.48 -5.38
CA VAL A 186 -18.56 -9.09 -5.67
C VAL A 186 -17.40 -8.66 -4.78
N GLY A 187 -17.35 -9.16 -3.55
CA GLY A 187 -16.28 -8.77 -2.65
C GLY A 187 -14.91 -9.16 -3.17
N PHE A 188 -14.76 -10.40 -3.62
CA PHE A 188 -13.46 -10.84 -4.12
C PHE A 188 -13.12 -10.28 -5.49
N VAL A 189 -14.07 -9.67 -6.20
CA VAL A 189 -13.87 -9.27 -7.58
C VAL A 189 -13.50 -7.80 -7.74
N LEU A 190 -13.86 -6.95 -6.78
CA LEU A 190 -13.62 -5.51 -6.93
C LEU A 190 -12.16 -5.15 -7.18
N PRO A 191 -11.18 -5.67 -6.44
CA PRO A 191 -9.79 -5.26 -6.69
C PRO A 191 -9.31 -5.53 -8.10
N SER A 192 -9.73 -6.64 -8.71
CA SER A 192 -9.31 -6.97 -10.06
C SER A 192 -10.12 -6.25 -11.13
N ALA A 193 -11.43 -6.19 -10.96
CA ALA A 193 -12.31 -5.55 -11.93
C ALA A 193 -12.27 -4.03 -11.87
N GLU A 194 -11.64 -3.46 -10.85
CA GLU A 194 -11.58 -2.00 -10.74
C GLU A 194 -10.82 -1.37 -11.91
N LYS A 195 -9.91 -2.11 -12.54
CA LYS A 195 -9.11 -1.56 -13.63
C LYS A 195 -9.83 -1.64 -14.96
N ASP A 196 -10.35 -2.81 -15.31
CA ASP A 196 -10.99 -3.01 -16.61
C ASP A 196 -12.25 -2.16 -16.75
N MET A 197 -13.04 -2.08 -15.69
CA MET A 197 -14.37 -1.48 -15.77
C MET A 197 -14.39 0.01 -15.39
N CYS A 198 -13.25 0.60 -15.03
CA CYS A 198 -13.16 2.03 -14.72
C CYS A 198 -14.12 2.40 -13.58
N LEU A 199 -13.85 1.83 -12.41
CA LEU A 199 -14.70 1.99 -11.24
C LEU A 199 -14.07 2.98 -10.25
N SER A 200 -14.93 3.82 -9.66
CA SER A 200 -14.53 4.77 -8.64
C SER A 200 -14.94 4.26 -7.26
N ASP A 201 -14.63 5.04 -6.23
CA ASP A 201 -14.96 4.63 -4.86
C ASP A 201 -16.47 4.53 -4.67
N SER A 202 -17.22 5.49 -5.20
CA SER A 202 -18.68 5.44 -5.09
C SER A 202 -19.22 4.20 -5.79
N ASN A 203 -18.68 3.87 -6.96
CA ASN A 203 -19.11 2.65 -7.65
C ASN A 203 -18.73 1.41 -6.86
N LYS A 204 -17.58 1.42 -6.19
CA LYS A 204 -17.22 0.28 -5.35
C LYS A 204 -18.22 0.10 -4.23
N GLY A 205 -18.62 1.19 -3.57
CA GLY A 205 -19.60 1.09 -2.51
C GLY A 205 -20.95 0.60 -3.01
N MET A 206 -21.40 1.13 -4.15
CA MET A 206 -22.68 0.71 -4.70
C MET A 206 -22.66 -0.76 -5.08
N LEU A 207 -21.55 -1.22 -5.67
CA LEU A 207 -21.43 -2.63 -5.99
C LEU A 207 -21.43 -3.48 -4.73
N GLY A 208 -20.84 -2.97 -3.65
CA GLY A 208 -20.88 -3.71 -2.40
C GLY A 208 -22.29 -3.86 -1.85
N LEU A 209 -23.09 -2.79 -1.93
CA LEU A 209 -24.42 -2.80 -1.34
C LEU A 209 -25.50 -3.40 -2.25
N ILE A 210 -25.21 -3.56 -3.54
CA ILE A 210 -26.25 -4.00 -4.47
C ILE A 210 -26.70 -5.43 -4.18
N VAL A 211 -25.76 -6.29 -3.78
CA VAL A 211 -26.12 -7.68 -3.49
C VAL A 211 -27.09 -7.74 -2.32
N TYR A 212 -26.83 -6.95 -1.28
CA TYR A 212 -27.72 -6.95 -0.12
C TYR A 212 -29.07 -6.34 -0.46
N LEU A 213 -29.10 -5.31 -1.29
CA LEU A 213 -30.40 -4.75 -1.69
C LEU A 213 -31.20 -5.77 -2.49
N GLY A 214 -30.54 -6.46 -3.41
CA GLY A 214 -31.24 -7.49 -4.17
C GLY A 214 -31.77 -8.60 -3.29
N MET A 215 -30.95 -9.04 -2.32
CA MET A 215 -31.40 -10.07 -1.39
C MET A 215 -32.57 -9.57 -0.56
N MET A 216 -32.56 -8.30 -0.18
CA MET A 216 -33.66 -7.72 0.58
C MET A 216 -34.97 -7.82 -0.20
N VAL A 217 -34.95 -7.42 -1.47
CA VAL A 217 -36.16 -7.48 -2.27
C VAL A 217 -36.60 -8.93 -2.47
N GLY A 218 -35.63 -9.79 -2.81
CA GLY A 218 -35.95 -11.18 -3.13
C GLY A 218 -36.51 -11.95 -1.96
N ALA A 219 -35.99 -11.71 -0.74
CA ALA A 219 -36.49 -12.44 0.42
C ALA A 219 -37.98 -12.21 0.61
N PHE A 220 -38.41 -10.95 0.63
CA PHE A 220 -39.82 -10.63 0.73
C PHE A 220 -40.62 -11.21 -0.43
N LEU A 221 -40.14 -11.04 -1.67
CA LEU A 221 -40.93 -11.46 -2.82
C LEU A 221 -41.15 -12.97 -2.83
N TRP A 222 -40.06 -13.75 -2.71
CA TRP A 222 -40.21 -15.19 -2.76
C TRP A 222 -40.88 -15.73 -1.49
N GLY A 223 -40.67 -15.09 -0.35
CA GLY A 223 -41.38 -15.50 0.84
C GLY A 223 -42.88 -15.33 0.70
N GLY A 224 -43.30 -14.21 0.14
CA GLY A 224 -44.72 -14.01 -0.09
C GLY A 224 -45.28 -14.98 -1.10
N LEU A 225 -44.56 -15.22 -2.19
CA LEU A 225 -45.11 -16.07 -3.24
C LEU A 225 -45.12 -17.55 -2.85
N ALA A 226 -44.21 -17.97 -1.96
CA ALA A 226 -44.07 -19.39 -1.68
C ALA A 226 -45.32 -19.97 -1.01
N ASP A 227 -45.96 -19.19 -0.14
CA ASP A 227 -47.14 -19.69 0.56
C ASP A 227 -48.27 -20.03 -0.40
N ARG A 228 -48.47 -19.22 -1.43
CA ARG A 228 -49.59 -19.41 -2.34
C ARG A 228 -49.30 -20.47 -3.40
N LEU A 229 -48.08 -20.48 -3.93
CA LEU A 229 -47.71 -21.40 -5.00
C LEU A 229 -47.09 -22.70 -4.50
N GLY A 230 -46.31 -22.66 -3.44
CA GLY A 230 -45.63 -23.83 -2.94
C GLY A 230 -44.21 -23.48 -2.57
N ARG A 231 -43.47 -24.51 -2.18
CA ARG A 231 -42.06 -24.36 -1.80
C ARG A 231 -41.11 -24.82 -2.89
N ARG A 232 -41.31 -26.00 -3.43
CA ARG A 232 -40.44 -26.50 -4.50
C ARG A 232 -40.49 -25.59 -5.72
N GLN A 233 -41.69 -25.21 -6.15
CA GLN A 233 -41.80 -24.45 -7.39
C GLN A 233 -41.17 -23.07 -7.26
N CYS A 234 -41.39 -22.39 -6.14
CA CYS A 234 -40.80 -21.08 -5.94
C CYS A 234 -39.28 -21.18 -5.73
N LEU A 235 -38.81 -22.21 -5.04
CA LEU A 235 -37.37 -22.40 -4.92
C LEU A 235 -36.72 -22.62 -6.29
N LEU A 236 -37.35 -23.45 -7.13
CA LEU A 236 -36.84 -23.67 -8.47
C LEU A 236 -36.79 -22.36 -9.24
N ILE A 237 -37.85 -21.58 -9.19
CA ILE A 237 -37.90 -20.34 -9.98
C ILE A 237 -36.82 -19.38 -9.50
N SER A 238 -36.70 -19.20 -8.18
CA SER A 238 -35.74 -18.24 -7.65
C SER A 238 -34.31 -18.66 -7.99
N LEU A 239 -33.99 -19.95 -7.84
CA LEU A 239 -32.64 -20.39 -8.11
C LEU A 239 -32.32 -20.35 -9.60
N SER A 240 -33.31 -20.64 -10.45
CA SER A 240 -33.09 -20.52 -11.89
C SER A 240 -32.78 -19.08 -12.26
N VAL A 241 -33.52 -18.12 -11.69
CA VAL A 241 -33.23 -16.72 -11.93
C VAL A 241 -31.81 -16.39 -11.49
N ASN A 242 -31.43 -16.87 -10.31
CA ASN A 242 -30.09 -16.62 -9.79
C ASN A 242 -29.03 -17.15 -10.75
N SER A 243 -29.15 -18.42 -11.16
CA SER A 243 -28.13 -19.02 -12.01
C SER A 243 -28.04 -18.31 -13.35
N VAL A 244 -29.19 -17.99 -13.95
CA VAL A 244 -29.19 -17.36 -15.27
C VAL A 244 -28.52 -16.00 -15.22
N PHE A 245 -28.91 -15.17 -14.24
CA PHE A 245 -28.32 -13.84 -14.18
C PHE A 245 -26.87 -13.88 -13.72
N ALA A 246 -26.48 -14.82 -12.87
CA ALA A 246 -25.08 -14.95 -12.51
C ALA A 246 -24.25 -15.36 -13.72
N PHE A 247 -24.77 -16.25 -14.56
CA PHE A 247 -24.07 -16.62 -15.78
C PHE A 247 -23.94 -15.44 -16.73
N PHE A 248 -25.01 -14.67 -16.93
CA PHE A 248 -24.93 -13.50 -17.78
C PHE A 248 -24.15 -12.34 -17.16
N SER A 249 -23.81 -12.42 -15.88
CA SER A 249 -23.00 -11.39 -15.25
C SER A 249 -21.51 -11.50 -15.53
N SER A 250 -21.04 -12.58 -16.16
CA SER A 250 -19.62 -12.72 -16.44
C SER A 250 -19.25 -12.16 -17.81
N PHE A 251 -20.16 -12.23 -18.78
CA PHE A 251 -19.93 -11.75 -20.14
C PHE A 251 -20.40 -10.31 -20.32
N VAL A 252 -20.39 -9.52 -19.25
CA VAL A 252 -20.87 -8.15 -19.24
C VAL A 252 -19.68 -7.22 -19.12
N GLN A 253 -19.68 -6.17 -19.95
CA GLN A 253 -18.61 -5.18 -19.99
C GLN A 253 -18.95 -3.92 -19.20
N GLY A 254 -20.08 -3.30 -19.49
CA GLY A 254 -20.41 -2.03 -18.85
C GLY A 254 -20.61 -2.17 -17.36
N TYR A 255 -20.57 -1.02 -16.69
CA TYR A 255 -20.73 -1.01 -15.23
C TYR A 255 -22.20 -1.03 -14.84
N GLY A 256 -23.03 -0.24 -15.51
CA GLY A 256 -24.43 -0.19 -15.16
C GLY A 256 -25.13 -1.52 -15.38
N THR A 257 -24.87 -2.16 -16.52
CA THR A 257 -25.45 -3.46 -16.78
C THR A 257 -24.89 -4.54 -15.84
N PHE A 258 -23.62 -4.43 -15.44
CA PHE A 258 -23.11 -5.33 -14.42
C PHE A 258 -23.84 -5.15 -13.09
N LEU A 259 -24.09 -3.90 -12.71
CA LEU A 259 -24.83 -3.63 -11.48
C LEU A 259 -26.23 -4.22 -11.58
N PHE A 260 -26.88 -4.05 -12.73
CA PHE A 260 -28.22 -4.61 -12.91
C PHE A 260 -28.21 -6.12 -12.81
N CYS A 261 -27.21 -6.77 -13.43
CA CYS A 261 -27.14 -8.23 -13.38
C CYS A 261 -26.91 -8.72 -11.96
N ARG A 262 -26.02 -8.07 -11.21
CA ARG A 262 -25.79 -8.49 -9.82
C ARG A 262 -27.03 -8.23 -8.98
N LEU A 263 -27.76 -7.15 -9.24
CA LEU A 263 -29.00 -6.89 -8.50
C LEU A 263 -30.00 -8.00 -8.75
N LEU A 264 -30.17 -8.41 -10.00
CA LEU A 264 -31.14 -9.48 -10.28
C LEU A 264 -30.66 -10.81 -9.73
N SER A 265 -29.35 -11.06 -9.72
CA SER A 265 -28.84 -12.27 -9.10
C SER A 265 -29.13 -12.29 -7.60
N GLY A 266 -28.98 -11.13 -6.95
CA GLY A 266 -29.34 -11.04 -5.54
C GLY A 266 -30.83 -11.27 -5.32
N VAL A 267 -31.66 -10.71 -6.19
CA VAL A 267 -33.10 -10.96 -6.11
C VAL A 267 -33.38 -12.44 -6.23
N GLY A 268 -32.69 -13.12 -7.14
CA GLY A 268 -32.89 -14.55 -7.29
C GLY A 268 -32.49 -15.35 -6.07
N ILE A 269 -31.33 -15.05 -5.50
CA ILE A 269 -30.83 -15.84 -4.37
C ILE A 269 -31.45 -15.42 -3.04
N GLY A 270 -32.20 -14.33 -3.00
CA GLY A 270 -32.78 -13.91 -1.74
C GLY A 270 -33.71 -14.93 -1.12
N GLY A 271 -34.46 -15.67 -1.94
CA GLY A 271 -35.40 -16.64 -1.43
C GLY A 271 -34.82 -18.00 -1.12
N SER A 272 -33.61 -18.05 -0.56
CA SER A 272 -33.00 -19.32 -0.20
C SER A 272 -33.32 -19.71 1.24
N ILE A 273 -32.98 -18.84 2.19
CA ILE A 273 -33.19 -19.19 3.60
C ILE A 273 -34.67 -19.37 3.91
N PRO A 274 -35.58 -18.46 3.52
CA PRO A 274 -37.00 -18.67 3.87
C PRO A 274 -37.56 -19.98 3.35
N ILE A 275 -37.40 -20.25 2.07
CA ILE A 275 -37.97 -21.46 1.51
C ILE A 275 -37.23 -22.70 1.99
N VAL A 276 -35.90 -22.65 2.13
CA VAL A 276 -35.17 -23.86 2.51
C VAL A 276 -35.55 -24.29 3.93
N PHE A 277 -35.48 -23.36 4.89
CA PHE A 277 -35.77 -23.76 6.27
C PHE A 277 -37.22 -24.19 6.42
N SER A 278 -38.15 -23.44 5.84
CA SER A 278 -39.57 -23.82 5.90
C SER A 278 -39.82 -25.17 5.25
N TYR A 279 -39.44 -25.31 3.99
CA TYR A 279 -39.70 -26.53 3.24
C TYR A 279 -39.10 -27.78 3.87
N PHE A 280 -38.06 -27.62 4.68
CA PHE A 280 -37.44 -28.76 5.35
C PHE A 280 -38.02 -28.98 6.73
N SER A 281 -38.61 -27.94 7.33
CA SER A 281 -39.25 -28.11 8.63
C SER A 281 -40.44 -29.08 8.59
N GLU A 282 -41.06 -29.31 7.42
CA GLU A 282 -42.26 -30.12 7.39
C GLU A 282 -41.99 -31.62 7.21
N PHE A 283 -40.73 -32.06 7.24
CA PHE A 283 -40.40 -33.48 7.21
C PHE A 283 -39.73 -33.94 8.50
N LEU A 284 -39.87 -33.17 9.59
CA LEU A 284 -39.20 -33.46 10.85
C LEU A 284 -40.22 -33.52 11.97
N ALA A 285 -40.04 -34.51 12.85
CA ALA A 285 -40.91 -34.69 14.00
C ALA A 285 -40.38 -33.90 15.20
N GLN A 286 -41.28 -33.63 16.16
CA GLN A 286 -40.90 -32.84 17.33
C GLN A 286 -39.95 -33.58 18.25
N GLU A 287 -39.74 -34.89 18.06
CA GLU A 287 -38.80 -35.61 18.91
C GLU A 287 -37.42 -34.99 18.81
N LYS A 288 -37.01 -34.62 17.60
CA LYS A 288 -35.73 -33.93 17.41
C LYS A 288 -35.78 -33.09 16.15
N ARG A 289 -36.05 -31.79 16.29
CA ARG A 289 -36.10 -30.86 15.17
C ARG A 289 -35.10 -29.73 15.30
N GLY A 290 -34.86 -29.22 16.51
CA GLY A 290 -33.89 -28.16 16.67
C GLY A 290 -32.51 -28.58 16.21
N GLU A 291 -32.13 -29.82 16.54
CA GLU A 291 -30.85 -30.33 16.08
C GLU A 291 -30.82 -30.46 14.56
N HIS A 292 -31.89 -30.99 13.97
CA HIS A 292 -31.89 -31.25 12.54
C HIS A 292 -31.81 -29.97 11.72
N LEU A 293 -32.51 -28.93 12.12
CA LEU A 293 -32.42 -27.67 11.38
C LEU A 293 -31.10 -26.97 11.59
N SER A 294 -30.38 -27.27 12.68
CA SER A 294 -29.09 -26.62 12.91
C SER A 294 -28.04 -27.14 11.95
N TRP A 295 -27.98 -28.45 11.75
CA TRP A 295 -27.05 -29.02 10.77
C TRP A 295 -27.27 -28.49 9.37
N LEU A 296 -28.47 -27.99 9.07
CA LEU A 296 -28.79 -27.48 7.76
C LEU A 296 -28.03 -26.19 7.43
N CYS A 297 -27.54 -25.47 8.45
CA CYS A 297 -26.76 -24.27 8.24
C CYS A 297 -25.27 -24.55 8.06
N MET A 298 -24.84 -25.81 8.18
CA MET A 298 -23.45 -26.15 7.96
C MET A 298 -23.02 -26.02 6.51
N PHE A 299 -23.97 -25.84 5.59
CA PHE A 299 -23.62 -25.74 4.17
C PHE A 299 -23.29 -24.30 3.76
N TRP A 300 -23.71 -23.32 4.56
CA TRP A 300 -23.39 -21.94 4.23
C TRP A 300 -21.88 -21.71 4.27
N MET A 301 -21.21 -22.26 5.29
CA MET A 301 -19.75 -22.14 5.35
C MET A 301 -19.09 -22.94 4.24
N ILE A 302 -19.72 -24.02 3.80
CA ILE A 302 -19.18 -24.81 2.70
C ILE A 302 -19.16 -23.90 1.47
N GLY A 303 -20.25 -23.16 1.27
CA GLY A 303 -20.29 -22.22 0.17
C GLY A 303 -19.22 -21.15 0.29
N GLY A 304 -19.04 -20.66 1.52
CA GLY A 304 -18.05 -19.61 1.73
C GLY A 304 -16.63 -20.08 1.41
N VAL A 305 -16.27 -21.27 1.90
CA VAL A 305 -14.93 -21.78 1.63
C VAL A 305 -14.77 -22.11 0.15
N TYR A 306 -15.84 -22.60 -0.51
CA TYR A 306 -15.75 -22.84 -1.95
C TYR A 306 -15.44 -21.55 -2.69
N ALA A 307 -16.16 -20.48 -2.35
CA ALA A 307 -15.92 -19.20 -3.02
C ALA A 307 -14.51 -18.69 -2.75
N ALA A 308 -14.04 -18.80 -1.50
CA ALA A 308 -12.71 -18.33 -1.19
C ALA A 308 -11.64 -19.13 -1.93
N ALA A 309 -11.81 -20.46 -1.98
CA ALA A 309 -10.83 -21.30 -2.65
C ALA A 309 -10.77 -20.98 -4.15
N MET A 310 -11.94 -20.85 -4.79
CA MET A 310 -11.94 -20.52 -6.21
C MET A 310 -11.33 -19.14 -6.45
N ALA A 311 -11.60 -18.18 -5.57
CA ALA A 311 -11.00 -16.87 -5.70
C ALA A 311 -9.48 -16.96 -5.60
N TRP A 312 -8.97 -17.74 -4.65
CA TRP A 312 -7.54 -17.89 -4.51
C TRP A 312 -6.92 -18.59 -5.72
N ALA A 313 -7.62 -19.53 -6.33
CA ALA A 313 -7.04 -20.35 -7.38
C ALA A 313 -7.28 -19.83 -8.79
N ILE A 314 -8.12 -18.80 -8.97
CA ILE A 314 -8.47 -18.30 -10.30
C ILE A 314 -8.04 -16.84 -10.48
N ILE A 315 -8.28 -16.01 -9.46
CA ILE A 315 -7.97 -14.59 -9.60
C ILE A 315 -6.48 -14.31 -9.81
N PRO A 316 -5.55 -14.89 -9.04
CA PRO A 316 -4.15 -14.44 -9.18
C PRO A 316 -3.51 -14.75 -10.52
N HIS A 317 -4.10 -15.59 -11.36
CA HIS A 317 -3.57 -15.82 -12.70
C HIS A 317 -3.92 -14.63 -13.58
N TYR A 318 -3.25 -13.51 -13.31
CA TYR A 318 -3.50 -12.26 -14.03
C TYR A 318 -3.12 -12.35 -15.50
N GLY A 319 -2.29 -13.31 -15.89
CA GLY A 319 -1.79 -13.40 -17.23
C GLY A 319 -2.64 -14.17 -18.20
N TRP A 320 -3.84 -14.59 -17.81
CA TRP A 320 -4.71 -15.33 -18.71
C TRP A 320 -5.16 -14.46 -19.86
N SER A 321 -5.95 -13.42 -19.56
CA SER A 321 -6.45 -12.49 -20.57
C SER A 321 -7.25 -13.23 -21.64
N PHE A 330 -11.26 -10.48 -21.92
CA PHE A 330 -11.79 -11.26 -20.82
C PHE A 330 -10.66 -11.69 -19.90
N HIS A 331 -10.66 -11.21 -18.67
CA HIS A 331 -9.62 -11.52 -17.70
C HIS A 331 -10.12 -12.62 -16.76
N SER A 332 -9.29 -13.00 -15.79
CA SER A 332 -9.56 -14.17 -14.96
C SER A 332 -10.80 -14.01 -14.08
N TRP A 333 -11.03 -12.82 -13.53
CA TRP A 333 -12.14 -12.65 -12.59
C TRP A 333 -13.48 -12.99 -13.21
N ARG A 334 -13.63 -12.80 -14.53
CA ARG A 334 -14.83 -13.26 -15.18
C ARG A 334 -14.95 -14.77 -15.11
N VAL A 335 -13.84 -15.48 -15.31
CA VAL A 335 -13.87 -16.93 -15.19
C VAL A 335 -14.19 -17.33 -13.76
N PHE A 336 -13.71 -16.56 -12.79
CA PHE A 336 -14.04 -16.84 -11.39
C PHE A 336 -15.53 -16.70 -11.14
N VAL A 337 -16.15 -15.66 -11.68
CA VAL A 337 -17.58 -15.49 -11.51
C VAL A 337 -18.34 -16.66 -12.15
N LEU A 338 -17.91 -17.04 -13.36
CA LEU A 338 -18.55 -18.17 -14.04
C LEU A 338 -18.42 -19.44 -13.22
N VAL A 339 -17.26 -19.65 -12.60
CA VAL A 339 -17.08 -20.83 -11.75
C VAL A 339 -17.98 -20.75 -10.53
N CYS A 340 -18.09 -19.57 -9.91
CA CYS A 340 -18.92 -19.40 -8.73
C CYS A 340 -20.41 -19.53 -9.02
N ALA A 341 -20.83 -19.47 -10.28
CA ALA A 341 -22.25 -19.60 -10.61
C ALA A 341 -22.72 -21.05 -10.71
N PHE A 342 -21.87 -22.05 -10.47
CA PHE A 342 -22.23 -23.47 -10.63
C PHE A 342 -23.09 -24.07 -9.51
N PRO A 343 -22.90 -23.70 -8.23
CA PRO A 343 -23.75 -24.29 -7.19
C PRO A 343 -25.23 -24.11 -7.41
N SER A 344 -25.66 -22.96 -7.96
CA SER A 344 -27.07 -22.79 -8.27
C SER A 344 -27.51 -23.79 -9.32
N VAL A 345 -26.68 -24.03 -10.33
CA VAL A 345 -27.02 -25.00 -11.37
C VAL A 345 -27.20 -26.38 -10.74
N PHE A 346 -26.29 -26.77 -9.84
CA PHE A 346 -26.46 -28.04 -9.14
C PHE A 346 -27.72 -28.04 -8.30
N ALA A 347 -28.10 -26.89 -7.76
CA ALA A 347 -29.31 -26.82 -6.95
C ALA A 347 -30.54 -27.14 -7.77
N ILE A 348 -30.69 -26.53 -8.95
CA ILE A 348 -31.83 -26.89 -9.79
C ILE A 348 -31.70 -28.33 -10.27
N GLY A 349 -30.46 -28.78 -10.48
CA GLY A 349 -30.25 -30.13 -10.96
C GLY A 349 -30.76 -31.17 -9.98
N ALA A 350 -30.62 -30.88 -8.69
CA ALA A 350 -31.01 -31.85 -7.66
C ALA A 350 -32.45 -31.64 -7.20
N LEU A 351 -32.88 -30.39 -7.13
CA LEU A 351 -34.16 -30.06 -6.48
C LEU A 351 -35.35 -30.58 -7.29
N THR A 352 -35.19 -30.74 -8.60
CA THR A 352 -36.32 -31.17 -9.41
C THR A 352 -36.73 -32.61 -9.13
N THR A 353 -35.91 -33.36 -8.39
CA THR A 353 -36.17 -34.77 -8.12
C THR A 353 -36.68 -35.02 -6.69
N GLN A 354 -37.31 -34.04 -6.07
CA GLN A 354 -37.85 -34.17 -4.72
C GLN A 354 -39.30 -33.73 -4.73
N PRO A 355 -40.12 -34.21 -3.78
CA PRO A 355 -41.54 -33.91 -3.82
C PRO A 355 -41.87 -32.59 -3.14
N GLU A 356 -43.08 -32.09 -3.37
CA GLU A 356 -43.53 -30.89 -2.69
C GLU A 356 -44.04 -31.27 -1.30
N SER A 357 -43.81 -30.40 -0.32
CA SER A 357 -44.06 -30.73 1.08
C SER A 357 -45.53 -31.08 1.30
N PRO A 358 -45.83 -32.16 2.08
CA PRO A 358 -47.23 -32.56 2.26
C PRO A 358 -48.09 -31.48 2.86
N ARG A 359 -47.51 -30.76 3.82
CA ARG A 359 -48.20 -29.74 4.58
C ARG A 359 -48.83 -28.69 3.69
N PHE A 360 -48.12 -28.25 2.65
CA PHE A 360 -48.69 -27.26 1.74
C PHE A 360 -49.96 -27.81 1.09
N PHE A 361 -49.90 -29.07 0.65
CA PHE A 361 -51.08 -29.69 0.06
C PHE A 361 -52.22 -29.81 1.06
N LEU A 362 -51.92 -30.20 2.30
CA LEU A 362 -52.97 -30.34 3.30
C LEU A 362 -53.60 -28.99 3.61
N GLU A 363 -52.79 -27.94 3.69
CA GLU A 363 -53.30 -26.62 3.98
C GLU A 363 -54.08 -26.04 2.82
N ASN A 364 -53.80 -26.49 1.59
CA ASN A 364 -54.52 -26.04 0.41
C ASN A 364 -55.71 -26.94 0.06
N GLY A 365 -56.03 -27.91 0.91
CA GLY A 365 -57.15 -28.79 0.64
C GLY A 365 -56.92 -29.68 -0.57
N LYS A 366 -55.72 -30.25 -0.63
CA LYS A 366 -55.31 -31.15 -1.72
C LYS A 366 -54.77 -32.42 -1.06
N HIS A 367 -55.60 -32.98 -0.18
CA HIS A 367 -55.18 -34.08 0.69
C HIS A 367 -54.67 -35.29 -0.09
N ASP A 368 -55.16 -35.52 -1.30
CA ASP A 368 -54.69 -36.66 -2.06
C ASP A 368 -53.20 -36.56 -2.37
N GLU A 369 -52.74 -35.36 -2.77
CA GLU A 369 -51.33 -35.17 -3.07
C GLU A 369 -50.48 -35.31 -1.81
N ALA A 370 -50.98 -34.81 -0.68
CA ALA A 370 -50.27 -35.01 0.58
C ALA A 370 -50.17 -36.48 0.91
N TRP A 371 -51.23 -37.24 0.67
CA TRP A 371 -51.20 -38.67 0.95
C TRP A 371 -50.16 -39.37 0.09
N MET A 372 -50.10 -39.04 -1.20
CA MET A 372 -49.12 -39.73 -2.04
C MET A 372 -47.70 -39.29 -1.69
N VAL A 373 -47.50 -38.03 -1.29
CA VAL A 373 -46.16 -37.60 -0.91
C VAL A 373 -45.72 -38.32 0.35
N LEU A 374 -46.62 -38.45 1.33
CA LEU A 374 -46.29 -39.17 2.54
C LEU A 374 -46.06 -40.64 2.25
N LYS A 375 -46.78 -41.19 1.25
CA LYS A 375 -46.52 -42.55 0.83
C LYS A 375 -45.12 -42.70 0.26
N GLN A 376 -44.70 -41.74 -0.57
CA GLN A 376 -43.34 -41.77 -1.09
C GLN A 376 -42.30 -41.68 0.02
N VAL A 377 -42.52 -40.77 0.97
CA VAL A 377 -41.58 -40.63 2.08
C VAL A 377 -41.52 -41.90 2.90
N HIS A 378 -42.66 -42.56 3.12
CA HIS A 378 -42.68 -43.82 3.84
C HIS A 378 -41.94 -44.91 3.08
N ASP A 379 -42.15 -44.99 1.76
CA ASP A 379 -41.51 -46.03 0.97
C ASP A 379 -40.00 -45.86 0.96
N THR A 380 -39.54 -44.63 0.73
CA THR A 380 -38.10 -44.37 0.66
C THR A 380 -37.42 -44.73 1.97
N ASN A 381 -38.05 -44.40 3.09
CA ASN A 381 -37.47 -44.69 4.39
C ASN A 381 -37.52 -46.18 4.72
N MET A 382 -38.62 -46.86 4.37
CA MET A 382 -38.74 -48.27 4.69
C MET A 382 -37.92 -49.16 3.77
N ARG A 383 -37.45 -48.63 2.63
CA ARG A 383 -36.71 -49.45 1.68
C ARG A 383 -35.44 -50.02 2.26
N ALA A 384 -34.82 -49.32 3.23
CA ALA A 384 -33.55 -49.75 3.79
C ALA A 384 -33.45 -49.56 5.31
N LYS A 385 -34.57 -49.57 6.03
CA LYS A 385 -34.57 -49.45 7.47
C LYS A 385 -34.60 -50.83 8.13
N GLY A 386 -34.66 -50.85 9.46
CA GLY A 386 -34.71 -52.12 10.16
C GLY A 386 -35.92 -52.96 9.80
N HIS A 387 -37.10 -52.34 9.80
CA HIS A 387 -38.34 -53.03 9.43
C HIS A 387 -38.83 -52.51 8.08
N PRO A 388 -38.76 -53.32 6.99
CA PRO A 388 -39.29 -52.87 5.69
C PRO A 388 -40.68 -53.39 5.36
N GLU A 389 -41.24 -54.23 6.23
CA GLU A 389 -42.45 -54.99 5.92
C GLU A 389 -43.74 -54.23 6.20
N ARG A 390 -43.72 -53.29 7.15
CA ARG A 390 -44.94 -52.59 7.52
C ARG A 390 -45.45 -51.74 6.36
N VAL A 391 -46.75 -51.87 6.08
CA VAL A 391 -47.36 -51.17 4.95
C VAL A 391 -48.01 -49.87 5.44
N PHE A 392 -48.09 -48.89 4.54
CA PHE A 392 -48.57 -47.55 4.86
C PHE A 392 -50.08 -47.62 5.09
N SER A 393 -50.46 -48.18 6.24
CA SER A 393 -51.86 -48.35 6.58
C SER A 393 -52.54 -47.04 6.96
N VAL A 394 -51.78 -45.96 7.13
CA VAL A 394 -52.37 -44.68 7.48
C VAL A 394 -53.30 -44.24 6.36
N THR A 395 -54.57 -44.02 6.69
CA THR A 395 -55.56 -43.56 5.72
C THR A 395 -55.42 -42.05 5.52
N HIS A 396 -56.40 -41.46 4.86
CA HIS A 396 -56.33 -40.05 4.53
C HIS A 396 -56.30 -39.19 5.78
N ILE A 397 -55.55 -38.09 5.70
CA ILE A 397 -55.40 -37.17 6.82
C ILE A 397 -56.64 -36.28 6.83
N LYS A 398 -56.90 -35.63 7.96
CA LYS A 398 -58.05 -34.76 8.12
C LYS A 398 -58.12 -33.72 7.00
N THR A 399 -59.34 -33.48 6.51
CA THR A 399 -59.59 -32.53 5.44
C THR A 399 -60.21 -31.27 6.03
N ILE A 400 -59.62 -30.12 5.70
CA ILE A 400 -60.16 -28.83 6.14
C ILE A 400 -61.01 -28.25 5.02
N GLY A 421 -54.43 -12.36 -15.66
CA GLY A 421 -54.83 -11.11 -15.05
C GLY A 421 -55.54 -11.31 -13.73
N VAL A 422 -56.60 -12.13 -13.74
CA VAL A 422 -57.34 -12.42 -12.52
C VAL A 422 -56.43 -13.11 -11.51
N ARG A 423 -55.62 -14.07 -11.97
CA ARG A 423 -54.72 -14.78 -11.08
C ARG A 423 -53.71 -13.82 -10.47
N ALA A 424 -53.25 -12.84 -11.25
CA ALA A 424 -52.31 -11.86 -10.71
C ALA A 424 -52.92 -11.08 -9.55
N LEU A 425 -54.15 -10.60 -9.73
CA LEU A 425 -54.83 -9.87 -8.67
C LEU A 425 -55.06 -10.77 -7.47
N SER A 426 -55.43 -12.04 -7.72
CA SER A 426 -55.67 -12.97 -6.62
C SER A 426 -54.41 -13.19 -5.81
N LEU A 427 -53.28 -13.44 -6.47
CA LEU A 427 -52.03 -13.62 -5.74
C LEU A 427 -51.60 -12.36 -5.02
N GLY A 428 -51.77 -11.20 -5.64
CA GLY A 428 -51.43 -9.96 -4.97
C GLY A 428 -52.26 -9.75 -3.71
N GLY A 429 -53.56 -10.04 -3.78
CA GLY A 429 -54.39 -9.93 -2.60
C GLY A 429 -54.02 -10.94 -1.53
N GLN A 430 -53.77 -12.19 -1.93
CA GLN A 430 -53.48 -13.23 -0.95
C GLN A 430 -52.17 -12.97 -0.24
N VAL A 431 -51.14 -12.55 -0.96
CA VAL A 431 -49.85 -12.28 -0.33
C VAL A 431 -49.97 -11.11 0.63
N TRP A 432 -50.69 -10.06 0.23
CA TRP A 432 -50.89 -8.92 1.11
C TRP A 432 -51.66 -9.33 2.37
N GLY A 433 -52.69 -10.15 2.21
CA GLY A 433 -53.45 -10.59 3.36
C GLY A 433 -52.63 -11.46 4.30
N ASN A 434 -51.83 -12.36 3.75
CA ASN A 434 -50.97 -13.18 4.59
C ASN A 434 -49.97 -12.33 5.35
N PHE A 435 -49.36 -11.35 4.68
CA PHE A 435 -48.43 -10.48 5.37
C PHE A 435 -49.12 -9.68 6.46
N LEU A 436 -50.33 -9.19 6.20
CA LEU A 436 -51.03 -8.38 7.20
C LEU A 436 -51.46 -9.23 8.39
N SER A 437 -51.86 -10.48 8.17
CA SER A 437 -52.28 -11.33 9.27
C SER A 437 -51.17 -11.60 10.28
N CYS A 438 -49.91 -11.46 9.89
CA CYS A 438 -48.82 -11.62 10.85
C CYS A 438 -48.87 -10.58 11.95
N PHE A 439 -49.42 -9.39 11.67
CA PHE A 439 -49.62 -8.34 12.66
C PHE A 439 -51.00 -8.42 13.31
N GLY A 440 -51.59 -9.61 13.40
CA GLY A 440 -52.87 -9.75 14.01
C GLY A 440 -52.78 -9.72 15.52
N PRO A 441 -53.94 -9.83 16.18
CA PRO A 441 -53.96 -9.78 17.65
C PRO A 441 -53.10 -10.84 18.32
N GLU A 442 -52.97 -12.02 17.72
CA GLU A 442 -52.23 -13.12 18.34
C GLU A 442 -50.76 -13.15 17.98
N TYR A 443 -50.37 -12.51 16.87
CA TYR A 443 -48.97 -12.49 16.41
C TYR A 443 -48.41 -11.07 16.38
N ARG A 444 -48.93 -10.19 17.23
CA ARG A 444 -48.40 -8.84 17.32
C ARG A 444 -47.13 -8.80 18.17
N ARG A 445 -47.22 -9.31 19.40
CA ARG A 445 -46.07 -9.29 20.30
C ARG A 445 -44.92 -10.08 19.70
N ILE A 446 -45.22 -11.25 19.17
CA ILE A 446 -44.19 -12.11 18.61
C ILE A 446 -43.51 -11.45 17.43
N THR A 447 -44.31 -10.84 16.54
CA THR A 447 -43.73 -10.19 15.38
C THR A 447 -42.87 -9.00 15.77
N LEU A 448 -43.31 -8.20 16.74
CA LEU A 448 -42.52 -7.05 17.14
C LEU A 448 -41.20 -7.49 17.77
N MET A 449 -41.25 -8.47 18.67
CA MET A 449 -40.02 -8.93 19.30
C MET A 449 -39.07 -9.53 18.28
N MET A 450 -39.60 -10.28 17.32
CA MET A 450 -38.74 -10.86 16.29
C MET A 450 -38.16 -9.79 15.38
N MET A 451 -38.94 -8.76 15.05
CA MET A 451 -38.40 -7.65 14.27
C MET A 451 -37.23 -7.01 14.98
N GLY A 452 -37.40 -6.73 16.28
CA GLY A 452 -36.32 -6.13 17.03
C GLY A 452 -35.09 -7.01 17.08
N VAL A 453 -35.29 -8.30 17.36
CA VAL A 453 -34.16 -9.21 17.50
C VAL A 453 -33.40 -9.34 16.19
N TRP A 454 -34.13 -9.55 15.09
CA TRP A 454 -33.50 -9.70 13.78
C TRP A 454 -32.73 -8.44 13.41
N PHE A 455 -33.38 -7.28 13.55
CA PHE A 455 -32.75 -6.02 13.20
C PHE A 455 -31.46 -5.80 13.99
N THR A 456 -31.54 -5.90 15.32
CA THR A 456 -30.38 -5.63 16.14
C THR A 456 -29.25 -6.61 15.91
N MET A 457 -29.52 -7.91 15.84
CA MET A 457 -28.45 -8.86 15.60
C MET A 457 -27.81 -8.67 14.23
N SER A 458 -28.62 -8.43 13.19
CA SER A 458 -28.07 -8.22 11.85
C SER A 458 -27.17 -6.99 11.82
N PHE A 459 -27.61 -5.91 12.47
CA PHE A 459 -26.83 -4.68 12.47
C PHE A 459 -25.44 -4.92 13.04
N SER A 460 -25.37 -5.48 14.24
CA SER A 460 -24.08 -5.70 14.89
C SER A 460 -23.22 -6.67 14.09
N TYR A 461 -23.82 -7.77 13.62
CA TYR A 461 -23.02 -8.78 12.94
C TYR A 461 -22.39 -8.22 11.67
N TYR A 462 -23.20 -7.58 10.82
CA TYR A 462 -22.65 -7.07 9.57
C TYR A 462 -21.70 -5.90 9.82
N GLY A 463 -22.01 -5.05 10.80
CA GLY A 463 -21.11 -3.95 11.11
C GLY A 463 -19.73 -4.45 11.50
N LEU A 464 -19.67 -5.42 12.42
CA LEU A 464 -18.37 -5.92 12.86
C LEU A 464 -17.67 -6.68 11.75
N THR A 465 -18.39 -7.51 11.00
CA THR A 465 -17.70 -8.33 9.99
C THR A 465 -17.17 -7.50 8.85
N VAL A 466 -17.79 -6.37 8.52
CA VAL A 466 -17.20 -5.48 7.51
C VAL A 466 -16.24 -4.46 8.12
N TRP A 467 -16.30 -4.25 9.44
CA TRP A 467 -15.38 -3.33 10.10
C TRP A 467 -14.00 -3.93 10.31
N PHE A 468 -13.92 -5.23 10.60
CA PHE A 468 -12.61 -5.84 10.84
C PHE A 468 -11.67 -5.74 9.64
N PRO A 469 -12.06 -6.15 8.42
CA PRO A 469 -11.10 -6.05 7.30
C PRO A 469 -10.67 -4.61 7.00
N ASP A 470 -11.55 -3.64 7.19
CA ASP A 470 -11.17 -2.26 6.98
C ASP A 470 -10.10 -1.83 7.98
N MET A 471 -10.22 -2.27 9.24
CA MET A 471 -9.19 -1.96 10.22
C MET A 471 -7.87 -2.64 9.85
N ILE A 472 -7.93 -3.87 9.37
CA ILE A 472 -6.69 -4.53 8.95
C ILE A 472 -6.03 -3.75 7.82
N ARG A 473 -6.83 -3.32 6.84
CA ARG A 473 -6.29 -2.55 5.73
C ARG A 473 -5.71 -1.22 6.20
N HIS A 474 -6.38 -0.56 7.16
CA HIS A 474 -5.87 0.69 7.69
C HIS A 474 -4.53 0.49 8.39
N LEU A 475 -4.41 -0.56 9.19
CA LEU A 475 -3.15 -0.82 9.86
C LEU A 475 -2.05 -1.14 8.85
N GLN A 476 -2.38 -1.88 7.80
CA GLN A 476 -1.40 -2.15 6.76
C GLN A 476 -0.95 -0.86 6.08
N ALA A 477 -1.90 0.06 5.86
CA ALA A 477 -1.53 1.34 5.27
C ALA A 477 -0.60 2.13 6.17
N VAL A 478 -0.86 2.10 7.49
CA VAL A 478 0.01 2.79 8.43
C VAL A 478 1.41 2.18 8.40
N ASP A 479 1.50 0.86 8.36
CA ASP A 479 2.80 0.21 8.29
C ASP A 479 3.53 0.56 7.00
N TYR A 480 2.80 0.59 5.87
CA TYR A 480 3.39 0.99 4.61
C TYR A 480 3.94 2.41 4.68
N ALA A 481 3.18 3.32 5.26
CA ALA A 481 3.67 4.69 5.42
C ALA A 481 4.92 4.73 6.29
N ALA A 482 4.95 3.92 7.36
CA ALA A 482 6.12 3.84 8.21
C ALA A 482 7.33 3.24 7.51
N ARG A 483 7.13 2.45 6.47
CA ARG A 483 8.24 1.82 5.74
C ARG A 483 8.83 2.71 4.66
N THR A 484 8.30 3.92 4.46
CA THR A 484 8.80 4.79 3.40
C THR A 484 10.21 5.28 3.71
N LYS A 485 10.97 5.56 2.65
CA LYS A 485 12.32 6.10 2.74
C LYS A 485 12.43 7.35 1.90
N VAL A 486 13.28 8.29 2.34
CA VAL A 486 13.43 9.59 1.71
C VAL A 486 14.81 9.66 1.06
N PHE A 487 14.90 10.42 -0.02
CA PHE A 487 16.15 10.63 -0.76
C PHE A 487 16.30 12.12 -1.05
N PRO A 488 16.98 12.89 -0.18
CA PRO A 488 17.08 14.34 -0.40
C PRO A 488 18.29 14.77 -1.21
N GLY A 489 18.14 15.89 -1.93
CA GLY A 489 19.26 16.58 -2.54
C GLY A 489 20.05 15.82 -3.59
N GLU A 490 19.37 15.17 -4.52
CA GLU A 490 20.03 14.44 -5.59
C GLU A 490 20.22 15.35 -6.81
N ARG A 491 21.44 15.38 -7.34
CA ARG A 491 21.76 16.08 -8.57
C ARG A 491 22.19 15.06 -9.60
N VAL A 492 21.60 15.13 -10.80
CA VAL A 492 21.87 14.19 -11.88
C VAL A 492 22.01 14.98 -13.17
N GLU A 493 22.94 14.54 -14.04
CA GLU A 493 23.18 15.19 -15.32
C GLU A 493 23.59 14.16 -16.35
N HIS A 494 22.88 14.12 -17.47
CA HIS A 494 23.23 13.26 -18.61
C HIS A 494 23.28 11.80 -18.23
N VAL A 495 22.15 11.27 -17.76
CA VAL A 495 22.04 9.87 -17.36
C VAL A 495 20.71 9.33 -17.86
N THR A 496 20.68 8.03 -18.11
CA THR A 496 19.49 7.30 -18.51
C THR A 496 19.11 6.30 -17.41
N PHE A 497 17.81 6.22 -17.12
CA PHE A 497 17.29 5.33 -16.09
C PHE A 497 16.13 4.52 -16.65
N ASN A 498 16.07 3.24 -16.29
CA ASN A 498 15.01 2.35 -16.73
C ASN A 498 14.62 1.38 -15.63
N PHE A 499 14.79 1.78 -14.37
CA PHE A 499 14.64 0.88 -13.22
C PHE A 499 13.44 1.29 -12.39
N THR A 500 12.70 0.29 -11.91
CA THR A 500 11.45 0.53 -11.19
C THR A 500 11.72 1.04 -9.78
N LEU A 501 10.78 1.84 -9.26
CA LEU A 501 10.82 2.36 -7.90
C LEU A 501 9.46 2.18 -7.25
N GLU A 502 9.46 1.97 -5.94
CA GLU A 502 8.23 1.79 -5.17
C GLU A 502 8.41 2.34 -3.76
N ASN A 503 7.47 3.19 -3.34
CA ASN A 503 7.42 3.70 -1.97
C ASN A 503 8.71 4.43 -1.60
N GLN A 504 8.93 5.55 -2.29
CA GLN A 504 10.09 6.40 -2.06
C GLN A 504 9.67 7.85 -2.14
N ILE A 505 10.44 8.73 -1.50
CA ILE A 505 10.23 10.16 -1.59
C ILE A 505 11.54 10.84 -2.00
N HIS A 506 11.46 11.68 -3.03
CA HIS A 506 12.62 12.40 -3.55
C HIS A 506 12.36 13.89 -3.37
N ARG A 507 13.18 14.55 -2.55
CA ARG A 507 12.99 15.94 -2.17
C ARG A 507 14.18 16.78 -2.59
N GLY A 508 13.89 17.93 -3.20
CA GLY A 508 14.93 18.90 -3.51
C GLY A 508 15.99 18.42 -4.47
N GLY A 509 15.59 17.75 -5.56
CA GLY A 509 16.53 17.28 -6.55
C GLY A 509 16.65 18.23 -7.73
N GLN A 510 17.75 18.09 -8.47
CA GLN A 510 18.01 18.87 -9.67
C GLN A 510 18.45 17.93 -10.78
N TYR A 511 17.64 17.80 -11.82
CA TYR A 511 17.94 16.94 -12.95
C TYR A 511 17.99 17.77 -14.21
N PHE A 512 19.10 17.66 -14.95
CA PHE A 512 19.30 18.39 -16.21
C PHE A 512 19.73 17.40 -17.28
N ASN A 513 19.05 17.43 -18.43
CA ASN A 513 19.48 16.67 -19.59
C ASN A 513 19.49 15.16 -19.35
N ASP A 514 18.57 14.66 -18.55
CA ASP A 514 18.44 13.23 -18.30
C ASP A 514 17.38 12.63 -19.22
N LYS A 515 17.34 11.30 -19.24
CA LYS A 515 16.33 10.55 -19.99
C LYS A 515 15.77 9.47 -19.09
N PHE A 516 14.47 9.20 -19.24
CA PHE A 516 13.77 8.20 -18.44
C PHE A 516 12.92 7.36 -19.38
N ILE A 517 13.40 6.17 -19.71
CA ILE A 517 12.77 5.27 -20.66
C ILE A 517 12.33 4.01 -19.93
N GLY A 518 11.07 3.63 -20.10
CA GLY A 518 10.54 2.42 -19.51
C GLY A 518 10.57 2.44 -18.00
N LEU A 519 10.12 3.55 -17.41
CA LEU A 519 10.12 3.73 -15.96
C LEU A 519 8.76 3.38 -15.39
N ARG A 520 8.78 2.64 -14.28
CA ARG A 520 7.56 2.26 -13.56
C ARG A 520 7.65 2.78 -12.13
N LEU A 521 6.55 3.36 -11.65
CA LEU A 521 6.49 3.96 -10.32
C LEU A 521 5.25 3.49 -9.60
N LYS A 522 5.34 3.38 -8.27
CA LYS A 522 4.22 2.98 -7.43
C LYS A 522 4.36 3.66 -6.08
N SER A 523 3.43 4.56 -5.76
CA SER A 523 3.45 5.29 -4.50
C SER A 523 4.76 6.05 -4.32
N VAL A 524 5.24 6.66 -5.41
CA VAL A 524 6.45 7.45 -5.42
C VAL A 524 6.06 8.92 -5.59
N SER A 525 6.72 9.78 -4.82
CA SER A 525 6.43 11.22 -4.83
C SER A 525 7.71 12.01 -5.07
N PHE A 526 7.57 13.14 -5.76
CA PHE A 526 8.68 14.04 -6.03
C PHE A 526 8.31 15.42 -5.51
N GLU A 527 9.13 15.96 -4.62
CA GLU A 527 8.86 17.25 -3.98
C GLU A 527 10.01 18.21 -4.24
N ASP A 528 9.66 19.44 -4.61
CA ASP A 528 10.62 20.54 -4.71
C ASP A 528 11.75 20.23 -5.70
N SER A 529 11.48 19.40 -6.71
CA SER A 529 12.51 19.00 -7.66
C SER A 529 12.62 20.06 -8.76
N LEU A 530 13.42 19.75 -9.78
CA LEU A 530 13.60 20.65 -10.91
C LEU A 530 14.10 19.83 -12.10
N PHE A 531 13.30 19.79 -13.17
CA PHE A 531 13.63 19.06 -14.39
C PHE A 531 13.82 20.06 -15.51
N GLU A 532 14.97 19.97 -16.19
CA GLU A 532 15.29 20.87 -17.29
C GLU A 532 15.82 20.05 -18.44
N GLU A 533 15.19 20.17 -19.60
CA GLU A 533 15.64 19.49 -20.81
C GLU A 533 15.66 17.97 -20.66
N CYS A 534 14.73 17.44 -19.86
CA CYS A 534 14.62 16.00 -19.65
C CYS A 534 13.79 15.38 -20.77
N TYR A 535 13.49 14.09 -20.63
CA TYR A 535 12.72 13.36 -21.64
C TYR A 535 12.17 12.10 -21.01
N PHE A 536 10.86 11.98 -20.91
CA PHE A 536 10.21 10.79 -20.37
C PHE A 536 9.69 9.94 -21.52
N GLU A 537 9.64 8.63 -21.32
CA GLU A 537 9.18 7.74 -22.39
C GLU A 537 8.70 6.43 -21.78
N ASP A 538 7.43 6.11 -22.00
CA ASP A 538 6.82 4.85 -21.54
C ASP A 538 6.97 4.70 -20.02
N VAL A 539 6.30 5.60 -19.31
CA VAL A 539 6.31 5.63 -17.85
C VAL A 539 4.88 5.44 -17.35
N THR A 540 4.70 4.50 -16.43
CA THR A 540 3.41 4.26 -15.78
C THR A 540 3.53 4.56 -14.30
N SER A 541 2.61 5.38 -13.78
CA SER A 541 2.67 5.81 -12.39
C SER A 541 1.40 5.41 -11.67
N SER A 542 1.55 4.89 -10.46
CA SER A 542 0.43 4.55 -9.60
C SER A 542 0.62 5.27 -8.27
N ASN A 543 -0.33 6.15 -7.93
CA ASN A 543 -0.25 6.95 -6.71
C ASN A 543 1.02 7.80 -6.68
N THR A 544 1.45 8.28 -7.85
CA THR A 544 2.64 9.11 -7.97
C THR A 544 2.22 10.56 -8.18
N PHE A 545 2.96 11.48 -7.56
CA PHE A 545 2.61 12.89 -7.61
C PHE A 545 3.86 13.74 -7.79
N PHE A 546 3.64 14.97 -8.26
CA PHE A 546 4.69 15.97 -8.39
C PHE A 546 4.23 17.19 -7.61
N ARG A 547 4.91 17.49 -6.50
CA ARG A 547 4.52 18.60 -5.63
C ARG A 547 5.61 19.67 -5.65
N ASN A 548 5.21 20.90 -6.01
CA ASN A 548 6.13 22.04 -6.02
C ASN A 548 7.33 21.80 -6.94
N CYS A 549 7.11 21.04 -8.01
CA CYS A 549 8.17 20.77 -8.98
C CYS A 549 8.12 21.78 -10.11
N THR A 550 9.20 21.84 -10.88
CA THR A 550 9.31 22.76 -12.00
C THR A 550 9.88 22.04 -13.20
N PHE A 551 9.24 22.20 -14.35
CA PHE A 551 9.65 21.56 -15.59
C PHE A 551 9.96 22.61 -16.63
N ILE A 552 11.08 22.47 -17.33
CA ILE A 552 11.47 23.38 -18.39
C ILE A 552 11.99 22.57 -19.57
N ASN A 553 11.34 22.72 -20.72
CA ASN A 553 11.77 22.07 -21.95
C ASN A 553 11.81 20.55 -21.81
N THR A 554 10.86 20.00 -21.07
CA THR A 554 10.76 18.56 -20.86
C THR A 554 9.75 17.95 -21.83
N VAL A 555 10.06 16.76 -22.33
CA VAL A 555 9.23 16.07 -23.31
C VAL A 555 8.66 14.81 -22.67
N PHE A 556 7.37 14.62 -22.82
CA PHE A 556 6.66 13.44 -22.33
C PHE A 556 6.07 12.71 -23.53
N TYR A 557 6.72 11.60 -23.92
CA TYR A 557 6.30 10.82 -25.07
C TYR A 557 5.74 9.49 -24.62
N ASN A 558 4.47 9.24 -24.88
CA ASN A 558 3.83 7.98 -24.52
C ASN A 558 3.93 7.74 -23.01
N THR A 559 3.28 8.62 -22.25
CA THR A 559 3.31 8.57 -20.80
C THR A 559 1.91 8.59 -20.24
N ASP A 560 1.79 8.07 -19.01
CA ASP A 560 0.53 8.01 -18.29
C ASP A 560 0.36 9.17 -17.32
N LEU A 561 1.25 10.16 -17.37
CA LEU A 561 1.21 11.27 -16.42
C LEU A 561 -0.02 12.14 -16.72
N PHE A 562 -1.03 12.06 -15.88
CA PHE A 562 -2.25 12.82 -16.07
C PHE A 562 -2.09 14.23 -15.52
N GLU A 563 -3.13 15.04 -15.71
CA GLU A 563 -3.07 16.43 -15.26
C GLU A 563 -2.96 16.53 -13.75
N TYR A 564 -3.70 15.70 -13.02
CA TYR A 564 -3.72 15.81 -11.56
C TYR A 564 -2.45 15.30 -10.91
N LYS A 565 -1.58 14.62 -11.64
CA LYS A 565 -0.34 14.11 -11.05
C LYS A 565 0.63 15.23 -10.70
N PHE A 566 0.42 16.44 -11.19
CA PHE A 566 1.27 17.58 -10.89
C PHE A 566 0.52 18.49 -9.91
N VAL A 567 1.13 18.73 -8.75
CA VAL A 567 0.53 19.54 -7.70
C VAL A 567 1.47 20.69 -7.39
N ASN A 568 0.99 21.92 -7.57
CA ASN A 568 1.77 23.12 -7.27
C ASN A 568 3.04 23.17 -8.11
N SER A 569 2.95 22.70 -9.35
CA SER A 569 4.08 22.65 -10.26
C SER A 569 3.95 23.77 -11.29
N ARG A 570 5.03 23.99 -12.04
CA ARG A 570 5.03 24.96 -13.13
C ARG A 570 5.72 24.35 -14.34
N LEU A 571 5.02 24.32 -15.47
CA LEU A 571 5.53 23.76 -16.70
C LEU A 571 5.79 24.88 -17.69
N VAL A 572 7.00 24.92 -18.24
CA VAL A 572 7.39 25.93 -19.23
C VAL A 572 7.95 25.22 -20.44
N ASN A 573 7.36 25.47 -21.61
CA ASN A 573 7.84 24.94 -22.88
C ASN A 573 7.86 23.41 -22.91
N SER A 574 7.07 22.76 -22.08
CA SER A 574 6.98 21.31 -22.11
C SER A 574 5.85 20.87 -23.03
N THR A 575 5.78 19.56 -23.31
CA THR A 575 4.81 19.06 -24.26
C THR A 575 4.52 17.58 -23.99
N PHE A 576 3.25 17.21 -24.13
CA PHE A 576 2.78 15.83 -24.04
C PHE A 576 2.56 15.33 -25.46
N LEU A 577 3.04 14.13 -25.76
CA LEU A 577 2.89 13.54 -27.09
C LEU A 577 2.59 12.06 -26.99
N HIS A 578 1.64 11.61 -27.83
CA HIS A 578 1.21 10.22 -27.87
C HIS A 578 0.80 9.72 -26.49
N ASN A 579 -0.14 10.44 -25.89
CA ASN A 579 -0.61 10.13 -24.55
C ASN A 579 -1.27 8.75 -24.53
N LYS A 580 -1.02 8.01 -23.45
CA LYS A 580 -1.60 6.68 -23.32
C LYS A 580 -3.11 6.77 -23.12
N GLU A 581 -3.78 5.65 -23.38
CA GLU A 581 -5.21 5.50 -23.20
C GLU A 581 -5.45 4.66 -21.94
N GLY A 582 -6.70 4.60 -21.49
CA GLY A 582 -7.06 3.83 -20.31
C GLY A 582 -7.99 4.59 -19.40
N CYS A 583 -8.22 4.01 -18.23
CA CYS A 583 -9.10 4.62 -17.25
C CYS A 583 -8.43 5.87 -16.68
N PRO A 584 -9.06 7.06 -16.77
CA PRO A 584 -8.41 8.24 -16.19
C PRO A 584 -8.27 8.18 -14.67
N LEU A 585 -9.05 7.35 -13.99
CA LEU A 585 -9.02 7.32 -12.54
C LEU A 585 -7.66 6.85 -12.03
N ASP A 586 -7.28 7.37 -10.86
CA ASP A 586 -5.93 7.22 -10.32
C ASP A 586 -5.66 5.85 -9.71
N VAL A 587 -6.69 5.15 -9.26
CA VAL A 587 -6.48 3.90 -8.53
C VAL A 587 -6.31 2.71 -9.47
N THR A 588 -6.01 2.93 -10.74
CA THR A 588 -5.74 1.85 -11.68
C THR A 588 -4.60 0.96 -11.19
N TYR A 595 -4.59 -11.14 -1.48
CA TYR A 595 -4.25 -12.44 -0.91
C TYR A 595 -4.64 -12.51 0.56
N MET A 596 -4.41 -11.41 1.29
CA MET A 596 -4.76 -11.38 2.70
C MET A 596 -6.26 -11.46 2.91
N VAL A 597 -7.03 -10.83 2.02
CA VAL A 597 -8.49 -10.86 2.15
C VAL A 597 -9.01 -12.29 2.06
N TYR A 598 -8.49 -13.05 1.09
CA TYR A 598 -8.95 -14.42 0.92
C TYR A 598 -8.64 -15.26 2.16
N PHE A 599 -7.43 -15.11 2.69
CA PHE A 599 -7.02 -15.91 3.84
C PHE A 599 -7.85 -15.55 5.08
N VAL A 600 -8.10 -14.26 5.28
CA VAL A 600 -8.90 -13.83 6.43
C VAL A 600 -10.33 -14.34 6.31
N SER A 601 -10.90 -14.24 5.10
CA SER A 601 -12.27 -14.72 4.90
C SER A 601 -12.36 -16.22 5.14
N PHE A 602 -11.37 -16.97 4.65
CA PHE A 602 -11.35 -18.41 4.89
C PHE A 602 -11.26 -18.69 6.38
N LEU A 603 -10.41 -17.94 7.11
CA LEU A 603 -10.29 -18.17 8.54
C LEU A 603 -11.61 -17.94 9.25
N GLY A 604 -12.32 -16.87 8.91
CA GLY A 604 -13.61 -16.63 9.55
C GLY A 604 -14.62 -17.71 9.21
N THR A 605 -14.71 -18.09 7.93
CA THR A 605 -15.66 -19.10 7.51
C THR A 605 -15.37 -20.44 8.17
N LEU A 606 -14.10 -20.70 8.50
CA LEU A 606 -13.77 -21.93 9.23
C LEU A 606 -13.94 -21.76 10.72
N ALA A 607 -13.85 -20.52 11.22
CA ALA A 607 -14.00 -20.29 12.65
C ALA A 607 -15.46 -20.36 13.08
N VAL A 608 -16.39 -20.24 12.14
CA VAL A 608 -17.81 -20.39 12.48
C VAL A 608 -18.19 -21.85 12.70
N LEU A 609 -17.23 -22.78 12.60
CA LEU A 609 -17.55 -24.20 12.71
C LEU A 609 -17.87 -24.65 14.14
N PRO A 610 -17.00 -24.46 15.14
CA PRO A 610 -17.32 -25.02 16.47
C PRO A 610 -18.60 -24.46 17.07
N GLY A 611 -18.92 -23.20 16.79
CA GLY A 611 -20.17 -22.62 17.25
C GLY A 611 -21.34 -23.37 16.67
N ASN A 612 -21.26 -23.67 15.37
CA ASN A 612 -22.32 -24.45 14.73
C ASN A 612 -22.45 -25.82 15.36
N ILE A 613 -21.32 -26.47 15.64
CA ILE A 613 -21.37 -27.82 16.19
C ILE A 613 -22.01 -27.82 17.57
N VAL A 614 -21.56 -26.91 18.45
CA VAL A 614 -22.12 -26.90 19.80
C VAL A 614 -23.59 -26.55 19.76
N SER A 615 -23.97 -25.58 18.91
CA SER A 615 -25.37 -25.20 18.80
C SER A 615 -26.21 -26.36 18.32
N ALA A 616 -25.73 -27.09 17.31
CA ALA A 616 -26.50 -28.21 16.77
C ALA A 616 -26.66 -29.30 17.82
N LEU A 617 -25.61 -29.59 18.58
CA LEU A 617 -25.69 -30.69 19.53
C LEU A 617 -26.51 -30.32 20.76
N LEU A 618 -26.60 -29.03 21.10
CA LEU A 618 -27.26 -28.62 22.35
C LEU A 618 -28.51 -27.76 22.17
N MET A 619 -29.03 -27.59 20.95
CA MET A 619 -30.23 -26.79 20.79
C MET A 619 -31.42 -27.41 21.52
N ASP A 620 -31.70 -28.68 21.27
CA ASP A 620 -32.87 -29.32 21.88
C ASP A 620 -32.68 -29.61 23.36
N LYS A 621 -31.44 -29.64 23.85
CA LYS A 621 -31.16 -29.87 25.27
C LYS A 621 -31.24 -28.58 26.06
N ILE A 622 -30.43 -27.58 25.72
CA ILE A 622 -30.45 -26.32 26.45
C ILE A 622 -31.77 -25.59 26.22
N GLY A 623 -32.18 -25.47 24.96
CA GLY A 623 -33.38 -24.75 24.57
C GLY A 623 -33.06 -23.59 23.64
N ARG A 624 -34.01 -23.30 22.77
CA ARG A 624 -33.82 -22.24 21.78
C ARG A 624 -33.60 -20.90 22.45
N LEU A 625 -34.45 -20.59 23.43
CA LEU A 625 -34.44 -19.28 24.07
C LEU A 625 -33.16 -19.07 24.87
N ARG A 626 -32.79 -20.05 25.69
CA ARG A 626 -31.58 -19.95 26.50
C ARG A 626 -30.34 -19.84 25.63
N MET A 627 -30.23 -20.66 24.58
CA MET A 627 -29.05 -20.62 23.72
C MET A 627 -28.96 -19.29 23.00
N LEU A 628 -30.09 -18.79 22.49
CA LEU A 628 -30.07 -17.48 21.83
C LEU A 628 -29.59 -16.40 22.78
N ALA A 629 -30.16 -16.37 24.00
CA ALA A 629 -29.78 -15.33 24.96
C ALA A 629 -28.31 -15.44 25.34
N GLY A 630 -27.84 -16.66 25.59
CA GLY A 630 -26.45 -16.84 25.98
C GLY A 630 -25.49 -16.40 24.90
N SER A 631 -25.74 -16.81 23.66
CA SER A 631 -24.86 -16.40 22.57
C SER A 631 -24.88 -14.89 22.38
N SER A 632 -26.06 -14.28 22.45
CA SER A 632 -26.14 -12.84 22.25
C SER A 632 -25.36 -12.09 23.33
N VAL A 633 -25.55 -12.47 24.60
CA VAL A 633 -24.86 -11.74 25.66
C VAL A 633 -23.36 -12.01 25.61
N MET A 634 -22.97 -13.24 25.26
CA MET A 634 -21.55 -13.53 25.14
C MET A 634 -20.91 -12.69 24.05
N SER A 635 -21.59 -12.55 22.91
CA SER A 635 -21.06 -11.71 21.84
C SER A 635 -20.97 -10.25 22.29
N CYS A 636 -22.00 -9.78 23.00
CA CYS A 636 -21.98 -8.40 23.48
C CYS A 636 -20.80 -8.15 24.41
N VAL A 637 -20.52 -9.10 25.29
CA VAL A 637 -19.39 -8.95 26.20
C VAL A 637 -18.07 -9.04 25.45
N SER A 638 -17.97 -9.97 24.50
CA SER A 638 -16.74 -10.11 23.73
C SER A 638 -16.45 -8.89 22.88
N CYS A 639 -17.49 -8.13 22.53
CA CYS A 639 -17.29 -6.90 21.78
C CYS A 639 -16.40 -5.91 22.52
N PHE A 640 -16.41 -5.94 23.85
CA PHE A 640 -15.66 -4.96 24.64
C PHE A 640 -14.15 -5.12 24.47
N PHE A 641 -13.67 -6.30 24.08
CA PHE A 641 -12.24 -6.54 23.93
C PHE A 641 -11.70 -6.08 22.57
N LEU A 642 -12.41 -5.22 21.85
CA LEU A 642 -11.89 -4.74 20.57
C LEU A 642 -10.63 -3.92 20.78
N SER A 643 -10.60 -3.09 21.83
CA SER A 643 -9.43 -2.25 22.08
C SER A 643 -8.22 -3.09 22.47
N PHE A 644 -8.46 -4.30 23.02
CA PHE A 644 -7.36 -5.17 23.42
C PHE A 644 -6.48 -5.56 22.24
N GLY A 645 -7.02 -5.58 21.03
CA GLY A 645 -6.25 -5.92 19.85
C GLY A 645 -5.97 -4.71 18.98
N ASN A 646 -4.69 -4.42 18.76
CA ASN A 646 -4.25 -3.30 17.95
C ASN A 646 -3.36 -3.71 16.80
N SER A 647 -2.64 -4.83 16.91
CA SER A 647 -1.77 -5.31 15.86
C SER A 647 -2.58 -6.03 14.78
N GLU A 648 -1.92 -6.29 13.65
CA GLU A 648 -2.59 -6.97 12.54
C GLU A 648 -2.99 -8.39 12.93
N SER A 649 -2.14 -9.09 13.69
CA SER A 649 -2.47 -10.45 14.10
C SER A 649 -3.63 -10.47 15.09
N ALA A 650 -3.72 -9.45 15.94
CA ALA A 650 -4.79 -9.40 16.93
C ALA A 650 -6.16 -9.26 16.28
N MET A 651 -6.26 -8.48 15.21
CA MET A 651 -7.56 -8.29 14.56
C MET A 651 -8.07 -9.60 13.98
N ILE A 652 -7.19 -10.42 13.42
CA ILE A 652 -7.62 -11.70 12.87
C ILE A 652 -8.20 -12.58 13.98
N ALA A 653 -7.49 -12.67 15.11
CA ALA A 653 -7.96 -13.49 16.21
C ALA A 653 -9.28 -12.97 16.75
N LEU A 654 -9.41 -11.66 16.87
CA LEU A 654 -10.66 -11.08 17.38
C LEU A 654 -11.83 -11.36 16.44
N LEU A 655 -11.60 -11.22 15.12
CA LEU A 655 -12.65 -11.51 14.16
C LEU A 655 -13.05 -12.98 14.21
N CYS A 656 -12.06 -13.87 14.32
CA CYS A 656 -12.36 -15.30 14.41
C CYS A 656 -13.15 -15.61 15.68
N LEU A 657 -12.76 -15.01 16.80
CA LEU A 657 -13.47 -15.24 18.06
C LEU A 657 -14.91 -14.76 17.95
N PHE A 658 -15.11 -13.57 17.38
CA PHE A 658 -16.48 -13.05 17.27
C PHE A 658 -17.33 -13.91 16.34
N GLY A 659 -16.77 -14.32 15.20
CA GLY A 659 -17.53 -15.13 14.27
C GLY A 659 -17.87 -16.50 14.83
N GLY A 660 -16.92 -17.11 15.56
CA GLY A 660 -17.13 -18.45 16.05
C GLY A 660 -18.13 -18.57 17.19
N VAL A 661 -18.37 -17.48 17.92
CA VAL A 661 -19.26 -17.52 19.08
C VAL A 661 -20.63 -16.93 18.79
N SER A 662 -20.76 -16.09 17.76
CA SER A 662 -22.04 -15.48 17.44
C SER A 662 -22.91 -16.30 16.50
N ILE A 663 -22.40 -17.39 15.93
CA ILE A 663 -23.19 -18.16 14.97
C ILE A 663 -24.33 -18.87 15.66
N ALA A 664 -24.11 -19.31 16.90
CA ALA A 664 -25.17 -19.99 17.65
C ALA A 664 -26.39 -19.09 17.81
N SER A 665 -26.16 -17.78 17.93
CA SER A 665 -27.28 -16.85 18.02
C SER A 665 -28.13 -16.89 16.77
N TRP A 666 -27.52 -17.00 15.60
CA TRP A 666 -28.31 -17.04 14.37
C TRP A 666 -28.97 -18.40 14.16
N ASN A 667 -28.29 -19.49 14.53
CA ASN A 667 -28.92 -20.80 14.42
C ASN A 667 -30.15 -20.88 15.31
N ALA A 668 -30.03 -20.41 16.55
CA ALA A 668 -31.18 -20.40 17.43
C ALA A 668 -32.30 -19.54 16.89
N LEU A 669 -31.97 -18.40 16.29
CA LEU A 669 -32.99 -17.53 15.72
C LEU A 669 -33.70 -18.16 14.54
N ASP A 670 -32.97 -18.83 13.66
CA ASP A 670 -33.60 -19.52 12.54
C ASP A 670 -34.52 -20.63 13.04
N VAL A 671 -34.09 -21.35 14.08
CA VAL A 671 -34.93 -22.42 14.63
C VAL A 671 -36.16 -21.83 15.30
N LEU A 672 -36.00 -20.68 15.96
CA LEU A 672 -37.11 -20.08 16.69
C LEU A 672 -38.16 -19.49 15.75
N THR A 673 -37.73 -18.86 14.66
CA THR A 673 -38.67 -18.19 13.78
C THR A 673 -39.54 -19.19 13.03
N VAL A 674 -38.99 -20.38 12.78
CA VAL A 674 -39.76 -21.43 12.11
C VAL A 674 -40.83 -21.98 13.04
N GLU A 675 -40.49 -22.17 14.31
CA GLU A 675 -41.42 -22.87 15.20
C GLU A 675 -42.52 -21.98 15.73
N LEU A 676 -42.41 -20.66 15.57
CA LEU A 676 -43.43 -19.76 16.12
C LEU A 676 -44.62 -19.63 15.18
N TYR A 677 -44.40 -19.25 13.94
CA TYR A 677 -45.56 -18.94 13.12
C TYR A 677 -46.23 -20.23 12.62
N PRO A 678 -47.51 -20.20 12.25
CA PRO A 678 -48.15 -21.44 11.79
C PRO A 678 -47.62 -21.84 10.44
N SER A 679 -48.10 -22.94 9.89
CA SER A 679 -47.59 -23.37 8.58
C SER A 679 -48.12 -22.51 7.46
N ASP A 680 -49.27 -21.88 7.63
CA ASP A 680 -49.81 -21.05 6.57
C ASP A 680 -49.00 -19.78 6.34
N LYS A 681 -48.22 -19.33 7.33
CA LYS A 681 -47.51 -18.06 7.26
C LYS A 681 -46.00 -18.18 7.46
N ARG A 682 -45.46 -19.38 7.65
CA ARG A 682 -44.08 -19.47 8.13
C ARG A 682 -43.10 -18.90 7.11
N THR A 683 -43.36 -19.14 5.82
CA THR A 683 -42.48 -18.62 4.80
C THR A 683 -42.67 -17.12 4.58
N THR A 684 -43.89 -16.61 4.70
CA THR A 684 -44.10 -15.16 4.65
C THR A 684 -43.51 -14.47 5.86
N ALA A 685 -43.77 -14.97 7.06
CA ALA A 685 -43.22 -14.40 8.28
C ALA A 685 -41.71 -14.52 8.35
N PHE A 686 -41.13 -15.64 7.96
CA PHE A 686 -39.68 -15.74 7.96
C PHE A 686 -39.07 -14.82 6.92
N GLY A 687 -39.69 -14.73 5.75
CA GLY A 687 -39.20 -13.92 4.67
C GLY A 687 -39.22 -12.43 4.96
N PHE A 688 -40.28 -11.95 5.59
CA PHE A 688 -40.37 -10.55 5.97
C PHE A 688 -39.22 -10.19 6.91
N LEU A 689 -38.99 -11.06 7.90
CA LEU A 689 -37.94 -10.79 8.87
C LEU A 689 -36.57 -10.91 8.24
N ASN A 690 -36.42 -11.78 7.24
CA ASN A 690 -35.14 -11.88 6.55
C ASN A 690 -34.88 -10.64 5.68
N ALA A 691 -35.95 -10.08 5.10
CA ALA A 691 -35.82 -8.81 4.39
C ALA A 691 -35.37 -7.72 5.35
N LEU A 692 -35.93 -7.70 6.55
CA LEU A 692 -35.45 -6.76 7.56
C LEU A 692 -33.99 -7.01 7.91
N CYS A 693 -33.58 -8.28 7.94
CA CYS A 693 -32.19 -8.60 8.22
C CYS A 693 -31.27 -7.97 7.18
N LYS A 694 -31.63 -8.10 5.90
CA LYS A 694 -30.79 -7.52 4.85
C LYS A 694 -30.81 -6.00 4.90
N LEU A 695 -31.98 -5.41 5.18
CA LEU A 695 -32.06 -3.97 5.31
C LEU A 695 -31.17 -3.46 6.44
N ALA A 696 -31.19 -4.14 7.58
CA ALA A 696 -30.33 -3.74 8.69
C ALA A 696 -28.87 -3.95 8.32
N ALA A 697 -28.56 -4.99 7.54
CA ALA A 697 -27.18 -5.22 7.12
C ALA A 697 -26.66 -4.06 6.31
N VAL A 698 -27.47 -3.53 5.40
CA VAL A 698 -27.03 -2.42 4.57
C VAL A 698 -26.71 -1.19 5.42
N LEU A 699 -27.63 -0.84 6.33
CA LEU A 699 -27.40 0.32 7.19
C LEU A 699 -26.20 0.11 8.10
N GLY A 700 -26.04 -1.09 8.65
CA GLY A 700 -24.89 -1.35 9.50
C GLY A 700 -23.59 -1.22 8.74
N ILE A 701 -23.54 -1.72 7.51
CA ILE A 701 -22.35 -1.58 6.69
C ILE A 701 -22.04 -0.11 6.47
N SER A 702 -23.05 0.66 6.08
CA SER A 702 -22.84 2.07 5.78
C SER A 702 -22.33 2.82 7.01
N ILE A 703 -22.91 2.54 8.18
CA ILE A 703 -22.52 3.27 9.38
C ILE A 703 -21.12 2.85 9.83
N PHE A 704 -20.83 1.54 9.83
CA PHE A 704 -19.55 1.09 10.37
C PHE A 704 -18.38 1.41 9.45
N THR A 705 -18.61 1.52 8.14
CA THR A 705 -17.47 1.82 7.27
C THR A 705 -16.85 3.19 7.53
N SER A 706 -17.61 4.14 8.11
CA SER A 706 -17.11 5.47 8.36
C SER A 706 -16.46 5.65 9.73
N PHE A 707 -16.52 4.64 10.60
CA PHE A 707 -15.95 4.80 11.94
C PHE A 707 -14.43 4.81 11.90
N VAL A 708 -13.83 4.19 10.88
CA VAL A 708 -12.37 4.14 10.76
C VAL A 708 -11.85 5.57 10.64
N GLY A 709 -10.72 5.84 11.30
CA GLY A 709 -10.24 7.19 11.44
C GLY A 709 -10.85 7.96 12.59
N ILE A 710 -11.59 7.29 13.48
CA ILE A 710 -12.25 7.92 14.61
C ILE A 710 -11.93 7.05 15.82
N THR A 711 -12.35 7.48 17.01
CA THR A 711 -12.09 6.76 18.25
C THR A 711 -12.60 5.32 18.16
N LYS A 712 -11.80 4.39 18.69
CA LYS A 712 -12.14 2.98 18.66
C LYS A 712 -13.32 2.61 19.53
N ALA A 713 -13.73 3.50 20.46
CA ALA A 713 -14.80 3.15 21.39
C ALA A 713 -16.18 3.23 20.74
N ALA A 714 -16.30 3.98 19.65
CA ALA A 714 -17.60 4.13 19.00
C ALA A 714 -18.19 2.80 18.52
N PRO A 715 -17.49 1.99 17.70
CA PRO A 715 -18.09 0.71 17.30
C PRO A 715 -18.35 -0.20 18.48
N ILE A 716 -17.51 -0.15 19.50
CA ILE A 716 -17.74 -0.96 20.70
C ILE A 716 -19.08 -0.59 21.32
N LEU A 717 -19.33 0.71 21.48
CA LEU A 717 -20.57 1.17 22.09
C LEU A 717 -21.78 0.79 21.24
N PHE A 718 -21.69 1.04 19.93
CA PHE A 718 -22.83 0.74 19.07
C PHE A 718 -23.15 -0.75 19.07
N ALA A 719 -22.16 -1.59 18.83
CA ALA A 719 -22.38 -3.03 18.78
C ALA A 719 -22.75 -3.62 20.12
N SER A 720 -22.30 -3.03 21.22
CA SER A 720 -22.70 -3.54 22.54
C SER A 720 -24.15 -3.18 22.83
N ALA A 721 -24.56 -1.94 22.56
CA ALA A 721 -25.93 -1.53 22.81
C ALA A 721 -26.89 -2.32 21.93
N ALA A 722 -26.54 -2.53 20.67
CA ALA A 722 -27.42 -3.27 19.77
C ALA A 722 -27.62 -4.70 20.24
N LEU A 723 -26.54 -5.38 20.58
CA LEU A 723 -26.67 -6.77 21.03
C LEU A 723 -27.38 -6.84 22.37
N ALA A 724 -27.24 -5.84 23.23
CA ALA A 724 -27.98 -5.84 24.49
C ALA A 724 -29.48 -5.71 24.24
N LEU A 725 -29.88 -4.78 23.37
CA LEU A 725 -31.29 -4.67 23.03
C LEU A 725 -31.81 -5.94 22.41
N GLY A 726 -30.99 -6.59 21.58
CA GLY A 726 -31.40 -7.88 21.03
C GLY A 726 -31.60 -8.93 22.10
N SER A 727 -30.68 -8.97 23.08
CA SER A 727 -30.74 -10.01 24.10
C SER A 727 -31.97 -9.88 24.97
N SER A 728 -32.28 -8.65 25.40
CA SER A 728 -33.46 -8.46 26.26
C SER A 728 -34.74 -8.87 25.52
N LEU A 729 -34.92 -8.36 24.30
CA LEU A 729 -36.09 -8.71 23.52
C LEU A 729 -36.17 -10.21 23.27
N ALA A 730 -35.03 -10.85 22.97
CA ALA A 730 -35.03 -12.27 22.71
C ALA A 730 -35.47 -13.05 23.95
N LEU A 731 -35.01 -12.64 25.12
CA LEU A 731 -35.46 -13.30 26.34
C LEU A 731 -36.95 -13.10 26.55
N LYS A 732 -37.51 -11.99 26.06
CA LYS A 732 -38.93 -11.73 26.29
C LYS A 732 -39.84 -12.56 25.39
N LEU A 733 -39.30 -13.31 24.43
CA LEU A 733 -40.14 -14.13 23.57
C LEU A 733 -40.63 -15.38 24.31
N PRO A 734 -41.64 -16.08 23.81
CA PRO A 734 -42.09 -17.33 24.43
C PRO A 734 -41.19 -18.50 24.04
N GLU A 735 -41.46 -19.64 24.65
CA GLU A 735 -40.69 -20.86 24.45
C GLU A 735 -41.44 -21.81 23.52
N THR A 736 -40.68 -22.56 22.72
CA THR A 736 -41.22 -23.45 21.71
C THR A 736 -40.67 -24.86 21.77
N ARG A 737 -39.72 -25.14 22.66
CA ARG A 737 -39.13 -26.47 22.72
C ARG A 737 -40.17 -27.51 23.12
N GLY A 738 -40.08 -28.69 22.49
CA GLY A 738 -40.97 -29.79 22.82
C GLY A 738 -42.42 -29.45 22.59
N GLN A 739 -42.81 -29.21 21.34
CA GLN A 739 -44.17 -28.84 21.02
C GLN A 739 -44.45 -29.10 19.54
N VAL A 740 -45.68 -29.52 19.22
CA VAL A 740 -46.02 -29.83 17.83
C VAL A 740 -45.94 -28.56 16.99
N LEU A 741 -45.46 -28.72 15.76
CA LEU A 741 -45.28 -27.60 14.84
C LEU A 741 -46.64 -27.17 14.31
N GLN A 742 -47.41 -26.45 15.13
CA GLN A 742 -48.70 -25.95 14.69
C GLN A 742 -48.52 -24.78 13.75
N LEU B 79 53.19 20.50 -3.60
CA LEU B 79 53.66 21.25 -4.76
C LEU B 79 52.54 22.06 -5.39
N VAL B 80 52.72 23.37 -5.45
CA VAL B 80 51.73 24.27 -6.04
C VAL B 80 52.16 24.64 -7.45
N ASN B 81 51.23 25.15 -8.25
CA ASN B 81 51.51 25.57 -9.62
C ASN B 81 52.16 26.95 -9.61
N ASN B 82 53.40 26.98 -9.12
CA ASN B 82 54.17 28.21 -9.03
C ASN B 82 55.57 27.94 -9.55
N GLU B 83 56.18 28.97 -10.15
CA GLU B 83 57.51 28.85 -10.72
C GLU B 83 58.57 28.76 -9.62
N SER B 84 58.20 29.11 -8.39
CA SER B 84 59.12 29.06 -7.27
C SER B 84 58.92 27.84 -6.38
N SER B 85 58.01 26.94 -6.73
CA SER B 85 57.73 25.74 -5.94
C SER B 85 58.31 24.55 -6.69
N GLU B 86 59.56 24.22 -6.38
CA GLU B 86 60.25 23.11 -7.02
C GLU B 86 61.13 22.40 -6.00
N VAL B 87 61.43 21.14 -6.29
CA VAL B 87 62.34 20.33 -5.48
C VAL B 87 63.29 19.65 -6.44
N ILE B 88 64.60 19.85 -6.23
CA ILE B 88 65.62 19.31 -7.10
C ILE B 88 66.56 18.43 -6.29
N VAL B 89 66.83 17.22 -6.79
CA VAL B 89 67.73 16.28 -6.16
C VAL B 89 68.76 15.83 -7.19
N HIS B 90 70.02 15.85 -6.82
CA HIS B 90 71.10 15.46 -7.72
C HIS B 90 71.52 14.01 -7.47
N PHE B 104 64.98 -1.00 -12.15
CA PHE B 104 64.77 -0.13 -10.99
C PHE B 104 63.30 -0.12 -10.57
N THR B 105 62.96 0.71 -9.60
CA THR B 105 61.58 0.91 -9.18
C THR B 105 61.46 2.25 -8.47
N VAL B 106 60.25 2.78 -8.42
CA VAL B 106 59.98 4.08 -7.79
C VAL B 106 58.72 3.96 -6.94
N SER B 107 58.78 4.52 -5.74
CA SER B 107 57.64 4.54 -4.83
C SER B 107 57.53 5.91 -4.17
N PHE B 108 56.30 6.27 -3.78
CA PHE B 108 56.06 7.54 -3.12
C PHE B 108 54.59 7.60 -2.70
N TRP B 109 54.28 8.58 -1.86
CA TRP B 109 52.91 8.85 -1.46
C TRP B 109 52.39 10.07 -2.22
N LEU B 110 51.12 10.02 -2.62
CA LEU B 110 50.53 11.08 -3.43
C LEU B 110 49.14 11.42 -2.92
N ARG B 111 48.78 12.70 -3.05
CA ARG B 111 47.46 13.20 -2.67
C ARG B 111 47.03 14.23 -3.70
N VAL B 112 46.14 13.82 -4.61
CA VAL B 112 45.70 14.66 -5.72
C VAL B 112 44.32 15.21 -5.37
N PRO B 113 44.17 16.51 -5.21
CA PRO B 113 42.84 17.06 -4.90
C PRO B 113 41.86 16.81 -6.02
N LYS B 114 40.59 16.64 -5.64
CA LYS B 114 39.57 16.25 -6.60
C LYS B 114 39.35 17.36 -7.62
N VAL B 115 39.09 16.95 -8.86
CA VAL B 115 38.94 17.88 -9.97
C VAL B 115 37.47 18.26 -10.11
N SER B 116 37.21 19.56 -10.24
CA SER B 116 35.84 20.04 -10.35
C SER B 116 35.25 19.65 -11.70
N ALA B 117 33.91 19.71 -11.77
CA ALA B 117 33.21 19.38 -13.00
C ALA B 117 33.56 20.37 -14.11
N SER B 118 33.51 21.66 -13.79
CA SER B 118 33.84 22.68 -14.80
C SER B 118 35.29 22.57 -15.24
N HIS B 119 36.21 22.41 -14.27
CA HIS B 119 37.62 22.27 -14.61
C HIS B 119 37.86 21.01 -15.43
N LEU B 120 37.18 19.92 -15.07
CA LEU B 120 37.33 18.68 -15.82
C LEU B 120 36.85 18.85 -17.25
N GLU B 121 35.74 19.55 -17.43
CA GLU B 121 35.19 19.79 -18.76
C GLU B 121 36.14 20.65 -19.59
N GLN B 122 36.71 21.70 -18.98
CA GLN B 122 37.61 22.59 -19.71
C GLN B 122 38.99 21.96 -19.91
N TYR B 123 39.73 21.80 -18.81
CA TYR B 123 41.09 21.26 -18.85
C TYR B 123 41.12 19.75 -18.70
N GLY B 124 40.36 19.03 -19.53
CA GLY B 124 40.30 17.58 -19.40
C GLY B 124 41.40 16.88 -20.18
N THR B 125 41.82 17.47 -21.30
CA THR B 125 42.83 16.85 -22.15
C THR B 125 44.24 17.33 -21.86
N ASN B 126 44.41 18.53 -21.32
CA ASN B 126 45.74 19.06 -21.05
C ASN B 126 46.49 18.17 -20.08
N GLU B 127 47.73 17.83 -20.42
CA GLU B 127 48.54 16.94 -19.62
C GLU B 127 49.60 17.72 -18.86
N TYR B 128 49.61 17.58 -17.54
CA TYR B 128 50.60 18.21 -16.67
C TYR B 128 51.29 17.14 -15.86
N SER B 129 52.63 17.19 -15.84
CA SER B 129 53.41 16.21 -15.12
C SER B 129 53.72 16.69 -13.71
N ILE B 130 53.94 15.72 -12.81
CA ILE B 130 54.25 16.03 -11.43
C ILE B 130 55.70 15.73 -11.08
N ILE B 131 56.23 14.57 -11.45
CA ILE B 131 57.62 14.23 -11.21
C ILE B 131 58.22 13.74 -12.54
N SER B 132 59.29 14.38 -12.97
CA SER B 132 59.90 14.03 -14.24
C SER B 132 61.40 13.87 -14.07
N SER B 133 61.99 13.03 -14.90
CA SER B 133 63.43 12.79 -14.85
C SER B 133 64.10 13.18 -16.17
N TRP B 145 62.28 8.68 -17.52
CA TRP B 145 60.91 8.39 -17.13
C TRP B 145 60.27 9.62 -16.50
N SER B 146 58.95 9.61 -16.36
CA SER B 146 58.24 10.76 -15.82
C SER B 146 56.91 10.32 -15.24
N VAL B 147 56.35 11.18 -14.39
CA VAL B 147 55.05 10.97 -13.76
C VAL B 147 54.21 12.20 -14.04
N SER B 148 53.03 11.99 -14.65
CA SER B 148 52.17 13.10 -15.04
C SER B 148 50.73 12.75 -14.76
N LEU B 149 49.90 13.79 -14.65
CA LEU B 149 48.47 13.64 -14.41
C LEU B 149 47.70 14.34 -15.53
N LYS B 150 46.71 13.65 -16.08
CA LYS B 150 45.85 14.21 -17.12
C LYS B 150 44.40 13.94 -16.75
N GLY B 151 43.69 14.97 -16.33
CA GLY B 151 42.31 14.78 -15.93
C GLY B 151 42.24 13.86 -14.74
N ASN B 152 41.46 12.79 -14.86
CA ASN B 152 41.37 11.75 -13.84
C ASN B 152 42.24 10.55 -14.19
N ASN B 153 43.37 10.78 -14.84
CA ASN B 153 44.25 9.72 -15.29
C ASN B 153 45.67 9.94 -14.79
N LEU B 154 46.26 8.91 -14.22
CA LEU B 154 47.64 8.90 -13.80
C LEU B 154 48.47 8.17 -14.84
N ILE B 155 49.50 8.84 -15.36
CA ILE B 155 50.25 8.33 -16.50
C ILE B 155 51.71 8.15 -16.10
N TRP B 156 52.32 7.06 -16.58
CA TRP B 156 53.73 6.78 -16.37
C TRP B 156 54.44 6.85 -17.72
N THR B 157 55.35 7.82 -17.85
CA THR B 157 55.98 8.09 -19.14
C THR B 157 57.42 7.60 -19.15
N LEU B 158 57.74 6.76 -20.14
CA LEU B 158 59.09 6.25 -20.30
C LEU B 158 59.76 6.85 -21.52
N ARG B 166 57.39 3.73 -24.61
CA ARG B 166 56.39 3.01 -23.85
C ARG B 166 55.67 3.94 -22.89
N GLN B 167 54.44 3.58 -22.51
CA GLN B 167 53.64 4.43 -21.64
C GLN B 167 52.55 3.60 -20.98
N ILE B 168 52.07 4.06 -19.82
CA ILE B 168 51.02 3.38 -19.07
C ILE B 168 50.00 4.42 -18.63
N THR B 169 48.71 4.08 -18.73
CA THR B 169 47.62 4.96 -18.35
C THR B 169 46.63 4.16 -17.51
N PHE B 170 46.44 4.57 -16.25
CA PHE B 170 45.48 3.93 -15.37
C PHE B 170 44.34 4.91 -15.09
N ARG B 171 43.12 4.47 -15.37
CA ARG B 171 41.93 5.30 -15.23
C ARG B 171 41.36 5.17 -13.82
N ASP B 172 41.09 6.30 -13.18
CA ASP B 172 40.52 6.29 -11.84
C ASP B 172 39.08 5.78 -11.89
N LEU B 173 38.64 5.24 -10.75
CA LEU B 173 37.30 4.67 -10.66
C LEU B 173 36.25 5.76 -10.81
N PRO B 174 35.08 5.42 -11.36
CA PRO B 174 34.03 6.44 -11.54
C PRO B 174 33.54 7.03 -10.22
N ASP B 175 33.48 6.22 -9.16
CA ASP B 175 32.99 6.67 -7.86
C ASP B 175 34.09 7.44 -7.16
N LYS B 176 33.95 8.77 -7.08
CA LYS B 176 34.99 9.60 -6.51
C LYS B 176 35.15 9.36 -5.01
N PHE B 177 34.14 8.78 -4.36
CA PHE B 177 34.23 8.50 -2.94
C PHE B 177 35.32 7.48 -2.66
N ASN B 178 35.45 6.47 -3.52
CA ASN B 178 36.44 5.40 -3.38
C ASN B 178 37.56 5.52 -4.40
N ALA B 179 37.61 6.63 -5.13
CA ALA B 179 38.61 6.83 -6.16
C ALA B 179 39.97 7.12 -5.53
N TYR B 180 41.02 6.83 -6.29
CA TYR B 180 42.38 7.03 -5.82
C TYR B 180 42.92 8.43 -6.08
N LEU B 181 42.50 9.08 -7.16
CA LEU B 181 42.93 10.44 -7.46
C LEU B 181 42.06 11.49 -6.78
N ALA B 182 41.25 11.08 -5.81
CA ALA B 182 40.52 12.02 -4.97
C ALA B 182 41.47 12.56 -3.91
N ASN B 183 40.94 13.25 -2.92
CA ASN B 183 41.75 13.93 -1.91
C ASN B 183 42.51 12.98 -0.99
N LYS B 184 42.25 11.68 -1.05
CA LYS B 184 42.84 10.72 -0.12
C LYS B 184 44.31 10.47 -0.41
N TRP B 185 45.04 10.07 0.62
CA TRP B 185 46.44 9.70 0.48
C TRP B 185 46.56 8.26 -0.02
N VAL B 186 47.42 8.06 -1.02
CA VAL B 186 47.62 6.74 -1.62
C VAL B 186 49.10 6.47 -1.78
N PHE B 187 49.43 5.19 -1.88
CA PHE B 187 50.81 4.74 -2.05
C PHE B 187 50.97 4.17 -3.45
N ILE B 188 51.95 4.70 -4.19
CA ILE B 188 52.15 4.36 -5.60
C ILE B 188 53.49 3.66 -5.75
N THR B 189 53.47 2.48 -6.37
CA THR B 189 54.70 1.74 -6.69
C THR B 189 54.67 1.43 -8.18
N ILE B 190 55.73 1.79 -8.88
CA ILE B 190 55.82 1.64 -10.33
C ILE B 190 57.05 0.81 -10.63
N THR B 191 56.88 -0.51 -10.72
CA THR B 191 58.00 -1.40 -10.98
C THR B 191 58.47 -1.25 -12.42
N ASN B 192 59.80 -1.30 -12.59
CA ASN B 192 60.40 -1.18 -13.91
C ASN B 192 61.38 -2.34 -14.09
N ASP B 193 60.88 -3.44 -14.62
CA ASP B 193 61.69 -4.61 -14.93
C ASP B 193 62.05 -4.52 -16.41
N ARG B 194 63.28 -4.06 -16.69
CA ARG B 194 63.71 -3.87 -18.06
C ARG B 194 63.66 -5.16 -18.86
N LEU B 195 63.96 -6.28 -18.22
CA LEU B 195 63.97 -7.56 -18.93
C LEU B 195 62.59 -7.94 -19.44
N SER B 196 61.55 -7.76 -18.64
CA SER B 196 60.24 -8.23 -19.06
C SER B 196 59.23 -7.10 -19.26
N SER B 197 58.96 -6.31 -18.22
CA SER B 197 57.91 -5.30 -18.31
C SER B 197 57.93 -4.46 -17.05
N ALA B 198 56.96 -3.56 -16.95
CA ALA B 198 56.76 -2.68 -15.80
C ALA B 198 55.37 -2.87 -15.24
N ASN B 199 55.28 -2.87 -13.91
CA ASN B 199 54.01 -3.06 -13.22
C ASN B 199 53.80 -1.95 -12.20
N LEU B 200 52.58 -1.44 -12.14
CA LEU B 200 52.23 -0.31 -11.29
C LEU B 200 51.30 -0.77 -10.17
N TYR B 201 51.66 -0.46 -8.93
CA TYR B 201 50.88 -0.86 -7.76
C TYR B 201 50.39 0.37 -7.02
N ILE B 202 49.12 0.35 -6.62
CA ILE B 202 48.56 1.38 -5.75
C ILE B 202 48.03 0.70 -4.51
N ASN B 203 48.55 1.10 -3.35
CA ASN B 203 48.19 0.48 -2.07
C ASN B 203 48.47 -1.02 -2.12
N GLY B 204 49.58 -1.38 -2.76
CA GLY B 204 49.93 -2.78 -2.90
C GLY B 204 48.97 -3.56 -3.76
N VAL B 205 48.40 -2.93 -4.78
CA VAL B 205 47.45 -3.58 -5.69
C VAL B 205 47.92 -3.30 -7.11
N LEU B 206 48.00 -4.34 -7.93
CA LEU B 206 48.44 -4.18 -9.31
C LEU B 206 47.28 -3.72 -10.17
N MET B 207 47.33 -2.46 -10.60
CA MET B 207 46.26 -1.86 -11.39
C MET B 207 46.56 -1.85 -12.89
N GLY B 208 47.68 -2.43 -13.30
CA GLY B 208 48.03 -2.45 -14.70
C GLY B 208 49.51 -2.71 -14.88
N SER B 209 49.91 -2.70 -16.15
CA SER B 209 51.30 -2.94 -16.53
C SER B 209 51.42 -2.74 -18.03
N ALA B 210 52.67 -2.57 -18.48
CA ALA B 210 52.96 -2.40 -19.90
C ALA B 210 54.16 -3.25 -20.27
N GLU B 211 54.21 -3.65 -21.54
CA GLU B 211 55.28 -4.50 -22.07
C GLU B 211 56.37 -3.61 -22.64
N ILE B 212 57.33 -3.25 -21.79
CA ILE B 212 58.45 -2.39 -22.21
C ILE B 212 59.53 -3.33 -22.75
N THR B 213 59.39 -3.69 -24.02
CA THR B 213 60.32 -4.59 -24.69
C THR B 213 60.88 -3.92 -25.93
N GLY B 214 62.16 -4.15 -26.19
CA GLY B 214 62.82 -3.55 -27.33
C GLY B 214 63.22 -2.11 -27.15
N LEU B 215 63.12 -1.57 -25.96
CA LEU B 215 63.49 -0.18 -25.70
C LEU B 215 65.01 -0.03 -25.58
N ILE B 224 66.48 14.88 -10.74
CA ILE B 224 65.06 14.61 -10.54
C ILE B 224 64.34 15.89 -10.13
N THR B 225 63.20 16.16 -10.78
CA THR B 225 62.41 17.35 -10.49
C THR B 225 61.03 16.94 -10.01
N LEU B 226 60.59 17.55 -8.90
CA LEU B 226 59.27 17.31 -8.33
C LEU B 226 58.53 18.65 -8.31
N LYS B 227 57.86 18.97 -9.41
CA LYS B 227 57.10 20.20 -9.51
C LYS B 227 56.03 20.01 -10.59
N LEU B 228 55.04 20.90 -10.57
CA LEU B 228 53.97 20.87 -11.56
C LEU B 228 54.44 21.58 -12.83
N ASP B 229 54.63 20.81 -13.90
CA ASP B 229 55.12 21.35 -15.17
C ASP B 229 54.04 21.19 -16.23
N ARG B 230 53.89 22.22 -17.05
CA ARG B 230 52.89 22.23 -18.14
C ARG B 230 51.48 22.12 -17.58
N CYS B 231 51.15 22.99 -16.63
CA CYS B 231 49.82 23.05 -16.04
C CYS B 231 49.26 24.46 -16.19
N ASN B 232 48.06 24.57 -16.75
CA ASN B 232 47.43 25.87 -16.96
C ASN B 232 46.46 26.24 -15.85
N ASN B 233 46.32 25.40 -14.82
CA ASN B 233 45.44 25.69 -13.70
C ASN B 233 46.25 26.25 -12.54
N ASN B 234 45.78 27.36 -11.97
CA ASN B 234 46.46 27.97 -10.85
C ASN B 234 46.13 27.32 -9.52
N ASN B 235 45.11 26.45 -9.48
CA ASN B 235 44.70 25.78 -8.26
C ASN B 235 45.15 24.32 -8.22
N GLN B 236 46.03 23.92 -9.14
CA GLN B 236 46.56 22.56 -9.15
C GLN B 236 47.71 22.45 -8.17
N TYR B 237 47.51 21.68 -7.11
CA TYR B 237 48.55 21.46 -6.11
C TYR B 237 48.45 20.02 -5.62
N VAL B 238 49.57 19.31 -5.70
CA VAL B 238 49.63 17.91 -5.30
C VAL B 238 50.75 17.74 -4.28
N SER B 239 50.46 16.96 -3.26
CA SER B 239 51.40 16.70 -2.17
C SER B 239 52.12 15.40 -2.44
N ILE B 240 53.44 15.43 -2.33
CA ILE B 240 54.29 14.26 -2.53
C ILE B 240 55.12 14.06 -1.27
N ASP B 241 55.15 12.82 -0.79
CA ASP B 241 55.88 12.52 0.44
C ASP B 241 56.53 11.15 0.33
N LYS B 242 57.70 11.02 0.92
CA LYS B 242 58.39 9.74 1.04
C LYS B 242 58.82 9.21 -0.32
N PHE B 243 59.53 10.03 -1.09
CA PHE B 243 60.01 9.63 -2.41
C PHE B 243 61.21 8.68 -2.28
N ARG B 244 61.08 7.47 -2.82
CA ARG B 244 62.13 6.47 -2.75
C ARG B 244 62.35 5.87 -4.14
N ILE B 245 63.59 5.48 -4.41
CA ILE B 245 63.98 4.91 -5.70
C ILE B 245 64.89 3.72 -5.45
N PHE B 246 64.32 2.52 -5.49
CA PHE B 246 65.06 1.29 -5.26
C PHE B 246 65.95 0.98 -6.45
N CYS B 247 66.89 0.06 -6.26
CA CYS B 247 67.83 -0.32 -7.31
C CYS B 247 67.49 -1.69 -7.90
N LYS B 248 66.21 -2.03 -7.98
CA LYS B 248 65.80 -3.33 -8.50
C LYS B 248 64.29 -3.30 -8.72
N ALA B 249 63.73 -4.45 -9.05
CA ALA B 249 62.30 -4.59 -9.29
C ALA B 249 61.67 -5.31 -8.10
N LEU B 250 60.66 -4.70 -7.51
CA LEU B 250 60.02 -5.29 -6.34
C LEU B 250 58.95 -6.29 -6.77
N ASN B 251 58.79 -7.35 -5.97
CA ASN B 251 57.77 -8.36 -6.22
C ASN B 251 56.56 -8.10 -5.34
N PRO B 252 55.48 -8.87 -5.48
CA PRO B 252 54.29 -8.63 -4.66
C PRO B 252 54.56 -8.63 -3.16
N LYS B 253 55.42 -9.54 -2.69
CA LYS B 253 55.72 -9.59 -1.27
C LYS B 253 56.39 -8.31 -0.80
N GLU B 254 57.35 -7.80 -1.59
CA GLU B 254 58.03 -6.57 -1.22
C GLU B 254 57.06 -5.40 -1.16
N ILE B 255 56.14 -5.32 -2.12
CA ILE B 255 55.17 -4.22 -2.14
C ILE B 255 54.24 -4.31 -0.93
N GLU B 256 53.79 -5.52 -0.62
CA GLU B 256 52.94 -5.70 0.56
C GLU B 256 53.68 -5.26 1.82
N LYS B 257 54.94 -5.67 1.95
CA LYS B 257 55.74 -5.29 3.11
C LYS B 257 55.93 -3.78 3.18
N LEU B 258 56.17 -3.14 2.03
CA LEU B 258 56.37 -1.69 2.03
C LEU B 258 55.12 -0.96 2.50
N TYR B 259 53.97 -1.28 1.88
CA TYR B 259 52.73 -0.62 2.27
C TYR B 259 52.40 -0.89 3.74
N THR B 260 52.68 -2.09 4.24
CA THR B 260 52.43 -2.37 5.64
C THR B 260 53.38 -1.59 6.53
N SER B 261 54.63 -1.41 6.08
CA SER B 261 55.62 -0.71 6.90
C SER B 261 55.24 0.75 7.11
N TYR B 262 54.78 1.42 6.06
CA TYR B 262 54.42 2.83 6.28
C TYR B 262 53.20 3.02 7.17
N LEU B 263 52.17 2.19 7.04
CA LEU B 263 50.98 2.35 7.86
C LEU B 263 51.15 1.61 9.19
N SER B 264 50.90 2.30 10.29
CA SER B 264 51.00 1.70 11.61
C SER B 264 49.82 2.12 12.49
N ILE B 265 49.90 1.82 13.77
CA ILE B 265 48.85 2.16 14.72
C ILE B 265 49.31 3.28 15.67
N THR B 266 50.33 4.03 15.26
CA THR B 266 50.90 5.06 16.12
C THR B 266 49.89 6.15 16.43
N PHE B 267 48.88 6.32 15.57
CA PHE B 267 47.88 7.36 15.74
C PHE B 267 46.78 7.16 14.72
N LEU B 268 45.55 7.47 15.10
CA LEU B 268 44.40 7.31 14.23
C LEU B 268 44.48 8.31 13.08
N ARG B 269 43.66 8.09 12.07
CA ARG B 269 43.65 8.96 10.90
C ARG B 269 42.22 9.28 10.48
N ASP B 270 42.04 10.48 9.93
CA ASP B 270 40.73 10.92 9.47
C ASP B 270 40.44 10.32 8.09
N PHE B 271 39.43 10.84 7.41
CA PHE B 271 39.03 10.28 6.13
C PHE B 271 40.11 10.43 5.08
N TRP B 272 40.82 11.56 5.07
CA TRP B 272 41.84 11.82 4.07
C TRP B 272 43.20 11.25 4.41
N GLY B 273 43.37 10.66 5.59
CA GLY B 273 44.64 10.12 6.00
C GLY B 273 45.41 11.00 6.97
N ASN B 274 45.03 12.26 7.11
CA ASN B 274 45.65 13.14 8.08
C ASN B 274 45.31 12.71 9.49
N PRO B 275 46.24 12.85 10.43
CA PRO B 275 45.96 12.41 11.81
C PRO B 275 44.85 13.23 12.45
N LEU B 276 44.06 12.55 13.28
CA LEU B 276 42.96 13.20 13.99
C LEU B 276 43.52 14.23 14.97
N ARG B 277 42.77 15.30 15.19
CA ARG B 277 43.14 16.33 16.15
C ARG B 277 41.94 16.68 17.01
N TYR B 278 42.20 16.94 18.29
CA TYR B 278 41.14 17.39 19.18
C TYR B 278 40.70 18.80 18.79
N ASP B 279 39.51 19.18 19.26
CA ASP B 279 38.99 20.52 19.03
C ASP B 279 38.77 20.81 17.55
N THR B 280 38.40 19.78 16.80
CA THR B 280 38.16 19.93 15.37
C THR B 280 36.82 19.33 15.01
N GLU B 281 36.06 20.03 14.17
CA GLU B 281 34.78 19.54 13.70
C GLU B 281 34.99 18.41 12.71
N TYR B 282 34.26 17.32 12.89
CA TYR B 282 34.32 16.16 12.03
C TYR B 282 32.91 15.72 11.67
N TYR B 283 32.80 15.01 10.54
CA TYR B 283 31.56 14.39 10.11
C TYR B 283 31.76 12.88 10.19
N LEU B 284 30.81 12.18 10.81
CA LEU B 284 30.89 10.73 10.94
C LEU B 284 30.10 10.08 9.81
N ILE B 285 30.73 9.10 9.16
CA ILE B 285 30.14 8.38 8.04
C ILE B 285 30.36 6.89 8.30
N PRO B 286 29.31 6.08 8.42
CA PRO B 286 29.50 4.64 8.61
C PRO B 286 30.27 4.02 7.45
N VAL B 287 31.20 3.14 7.78
CA VAL B 287 31.98 2.48 6.75
C VAL B 287 31.13 1.48 5.97
N ALA B 288 30.33 0.68 6.68
CA ALA B 288 29.53 -0.35 6.02
C ALA B 288 28.51 0.27 5.06
N SER B 289 27.83 1.33 5.49
CA SER B 289 26.84 2.03 4.68
C SER B 289 27.29 3.47 4.53
N SER B 290 28.13 3.72 3.52
CA SER B 290 28.71 5.04 3.31
C SER B 290 27.72 6.05 2.76
N SER B 291 26.60 5.61 2.20
CA SER B 291 25.63 6.50 1.59
C SER B 291 24.62 7.07 2.59
N LYS B 292 24.94 7.04 3.88
CA LYS B 292 24.05 7.54 4.91
C LYS B 292 24.77 8.54 5.81
N ASP B 293 24.03 9.55 6.24
CA ASP B 293 24.52 10.55 7.18
C ASP B 293 23.84 10.36 8.53
N VAL B 294 24.42 10.98 9.55
CA VAL B 294 23.91 10.88 10.92
C VAL B 294 23.14 12.15 11.24
N GLN B 295 21.90 11.99 11.70
CA GLN B 295 21.05 13.10 12.08
C GLN B 295 20.54 12.90 13.49
N LEU B 296 20.26 14.00 14.18
CA LEU B 296 19.73 13.98 15.54
C LEU B 296 18.26 14.38 15.51
N LYS B 297 17.41 13.55 16.12
CA LYS B 297 15.98 13.84 16.10
C LYS B 297 15.65 15.07 16.95
N ASN B 298 15.94 15.00 18.24
CA ASN B 298 15.72 16.13 19.14
C ASN B 298 16.78 16.12 20.21
N ILE B 299 16.94 17.26 20.88
CA ILE B 299 17.89 17.36 21.98
C ILE B 299 17.47 16.38 23.08
N THR B 300 18.46 15.75 23.71
CA THR B 300 18.22 14.71 24.71
C THR B 300 17.45 13.54 24.11
N ASP B 301 17.79 13.18 22.88
CA ASP B 301 17.11 12.10 22.17
C ASP B 301 18.17 11.31 21.40
N TYR B 302 17.71 10.47 20.48
CA TYR B 302 18.60 9.57 19.75
C TYR B 302 19.04 10.17 18.42
N MET B 303 20.01 9.51 17.80
CA MET B 303 20.51 9.86 16.48
C MET B 303 20.22 8.70 15.53
N TYR B 304 19.85 9.03 14.30
CA TYR B 304 19.50 8.02 13.30
C TYR B 304 20.24 8.33 12.00
N LEU B 305 20.50 7.29 11.21
CA LEU B 305 21.16 7.46 9.92
C LEU B 305 20.14 7.81 8.85
N THR B 306 20.53 8.70 7.94
CA THR B 306 19.67 9.12 6.84
C THR B 306 20.49 9.17 5.55
N ASN B 307 19.78 9.11 4.43
CA ASN B 307 20.40 9.15 3.11
C ASN B 307 21.09 10.49 2.89
N ALA B 308 22.19 10.47 2.14
CA ALA B 308 22.89 11.71 1.89
C ALA B 308 22.72 12.15 0.44
N PRO B 309 22.75 13.45 0.19
CA PRO B 309 22.63 13.95 -1.18
C PRO B 309 23.77 13.46 -2.04
N SER B 310 23.46 13.23 -3.32
CA SER B 310 24.43 12.61 -4.22
C SER B 310 24.50 13.39 -5.52
N TYR B 311 25.67 13.32 -6.16
CA TYR B 311 25.93 13.96 -7.44
C TYR B 311 26.33 12.90 -8.45
N THR B 312 25.76 13.00 -9.66
CA THR B 312 26.03 12.05 -10.72
C THR B 312 26.11 12.78 -12.05
N ASN B 313 27.11 12.40 -12.86
CA ASN B 313 27.29 13.01 -14.17
C ASN B 313 27.65 11.90 -15.16
N GLY B 314 26.71 11.60 -16.06
CA GLY B 314 26.95 10.55 -17.03
C GLY B 314 27.88 10.94 -18.16
N LYS B 315 27.86 12.21 -18.56
CA LYS B 315 28.72 12.64 -19.65
C LYS B 315 30.19 12.56 -19.26
N LEU B 316 30.52 12.94 -18.02
CA LEU B 316 31.88 12.85 -17.51
C LEU B 316 32.16 11.54 -16.78
N ASN B 317 31.14 10.74 -16.51
CA ASN B 317 31.31 9.43 -15.88
C ASN B 317 31.94 9.56 -14.49
N ILE B 318 31.35 10.42 -13.67
CA ILE B 318 31.79 10.60 -12.28
C ILE B 318 30.56 10.73 -11.41
N TYR B 319 30.61 10.13 -10.22
CA TYR B 319 29.53 10.25 -9.25
C TYR B 319 30.10 10.05 -7.85
N TYR B 320 29.37 10.58 -6.87
CA TYR B 320 29.77 10.48 -5.47
C TYR B 320 28.63 11.02 -4.62
N ARG B 321 28.86 11.03 -3.31
CA ARG B 321 27.90 11.53 -2.34
C ARG B 321 28.44 12.80 -1.70
N ARG B 322 27.56 13.80 -1.52
CA ARG B 322 27.97 15.03 -0.86
C ARG B 322 28.52 14.71 0.52
N LEU B 323 29.64 15.36 0.87
CA LEU B 323 30.44 14.95 2.01
C LEU B 323 30.44 15.97 3.14
N TYR B 324 29.52 16.94 3.15
CA TYR B 324 29.57 17.97 4.18
C TYR B 324 28.19 18.27 4.73
N ASN B 325 27.37 17.24 4.89
CA ASN B 325 26.05 17.36 5.51
C ASN B 325 25.93 16.37 6.67
N GLY B 326 25.14 16.75 7.67
CA GLY B 326 24.91 15.91 8.82
C GLY B 326 25.41 16.58 10.10
N LEU B 327 25.49 15.79 11.16
CA LEU B 327 25.97 16.28 12.44
C LEU B 327 27.46 16.59 12.37
N LYS B 328 27.89 17.53 13.21
CA LYS B 328 29.30 17.89 13.33
C LYS B 328 29.75 17.52 14.74
N PHE B 329 30.68 16.58 14.84
CA PHE B 329 31.14 16.09 16.13
C PHE B 329 32.49 16.68 16.49
N ILE B 330 32.87 16.47 17.75
CA ILE B 330 34.14 16.93 18.30
C ILE B 330 34.69 15.83 19.20
N ILE B 331 36.01 15.63 19.15
CA ILE B 331 36.68 14.70 20.04
C ILE B 331 37.53 15.54 20.98
N LYS B 332 37.25 15.46 22.27
CA LYS B 332 37.90 16.28 23.27
C LYS B 332 38.57 15.42 24.32
N ARG B 333 39.66 15.92 24.87
CA ARG B 333 40.38 15.18 25.90
C ARG B 333 39.48 14.98 27.11
N TYR B 334 39.66 13.84 27.78
CA TYR B 334 38.91 13.57 28.99
C TYR B 334 39.27 14.58 30.08
N THR B 335 40.55 14.92 30.21
CA THR B 335 40.99 15.90 31.17
C THR B 335 42.21 16.67 30.66
N SER B 342 49.20 17.16 20.21
CA SER B 342 47.77 17.43 20.22
C SER B 342 47.03 16.57 19.19
N PHE B 343 47.50 15.34 19.02
CA PHE B 343 46.92 14.40 18.07
C PHE B 343 46.22 13.28 18.83
N VAL B 344 45.11 12.80 18.28
CA VAL B 344 44.42 11.66 18.86
C VAL B 344 45.33 10.45 18.79
N LYS B 345 45.48 9.77 19.92
CA LYS B 345 46.32 8.58 19.98
C LYS B 345 45.44 7.34 20.18
N SER B 346 45.88 6.22 19.63
CA SER B 346 45.10 5.00 19.73
C SER B 346 44.94 4.56 21.17
N GLY B 347 43.78 3.99 21.48
CA GLY B 347 43.51 3.54 22.83
C GLY B 347 43.49 4.65 23.86
N ASP B 348 42.86 5.77 23.55
CA ASP B 348 42.80 6.91 24.44
C ASP B 348 41.37 7.15 24.91
N PHE B 349 41.23 7.83 26.04
CA PHE B 349 39.92 8.10 26.63
C PHE B 349 39.46 9.50 26.24
N ILE B 350 38.29 9.58 25.60
CA ILE B 350 37.79 10.82 25.04
C ILE B 350 36.33 11.00 25.39
N LYS B 351 35.85 12.24 25.23
CA LYS B 351 34.45 12.60 25.38
C LYS B 351 34.01 13.20 24.05
N LEU B 352 32.90 12.71 23.52
CA LEU B 352 32.43 13.13 22.20
C LEU B 352 31.26 14.08 22.33
N TYR B 353 31.41 15.27 21.77
CA TYR B 353 30.37 16.31 21.80
C TYR B 353 29.80 16.52 20.41
N VAL B 354 28.51 16.81 20.35
CA VAL B 354 27.81 17.06 19.10
C VAL B 354 27.46 18.54 19.06
N SER B 355 27.95 19.24 18.04
CA SER B 355 27.62 20.65 17.89
C SER B 355 26.23 20.80 17.28
N TYR B 356 25.39 21.61 17.91
CA TYR B 356 24.02 21.78 17.44
C TYR B 356 23.54 23.17 17.83
N ASN B 357 23.33 24.03 16.82
CA ASN B 357 22.89 25.40 17.03
C ASN B 357 23.88 26.17 17.89
N ASN B 358 25.16 26.08 17.52
CA ASN B 358 26.24 26.80 18.18
C ASN B 358 26.35 26.43 19.66
N ASN B 359 26.13 25.15 19.98
CA ASN B 359 26.22 24.69 21.36
C ASN B 359 26.62 23.22 21.35
N GLU B 360 27.51 22.85 22.26
CA GLU B 360 27.99 21.48 22.33
C GLU B 360 27.09 20.65 23.25
N HIS B 361 26.74 19.46 22.78
CA HIS B 361 25.88 18.56 23.52
C HIS B 361 26.64 17.26 23.77
N ILE B 362 26.83 16.90 25.03
CA ILE B 362 27.58 15.70 25.36
C ILE B 362 26.85 14.47 24.83
N VAL B 363 27.62 13.48 24.41
CA VAL B 363 27.09 12.20 23.94
C VAL B 363 27.30 11.17 25.05
N GLY B 364 26.29 10.35 25.29
CA GLY B 364 26.43 9.30 26.28
C GLY B 364 25.17 8.48 26.40
N TYR B 365 25.28 7.40 27.16
CA TYR B 365 24.14 6.54 27.44
C TYR B 365 23.71 6.70 28.89
N PRO B 366 22.52 7.23 29.15
CA PRO B 366 22.07 7.38 30.54
C PRO B 366 21.84 6.03 31.20
N LYS B 367 21.86 6.04 32.53
CA LYS B 367 21.65 4.81 33.28
C LYS B 367 20.27 4.24 32.99
N ASP B 368 20.19 2.91 32.92
CA ASP B 368 18.99 2.13 32.60
C ASP B 368 18.13 2.79 31.51
N GLY B 369 18.76 3.17 30.40
CA GLY B 369 18.03 3.73 29.29
C GLY B 369 17.43 2.66 28.39
N ASN B 370 16.55 3.10 27.51
CA ASN B 370 15.91 2.18 26.57
C ASN B 370 16.94 1.63 25.60
N ALA B 371 16.75 0.38 25.19
CA ALA B 371 17.68 -0.28 24.29
C ALA B 371 16.96 -1.40 23.54
N PHE B 372 17.57 -1.85 22.46
CA PHE B 372 17.05 -2.94 21.65
C PHE B 372 17.53 -4.26 22.22
N ASN B 373 16.59 -5.15 22.55
CA ASN B 373 16.89 -6.49 23.03
C ASN B 373 17.56 -6.49 24.41
N ASN B 374 17.51 -5.37 25.11
CA ASN B 374 18.04 -5.15 26.45
C ASN B 374 19.57 -5.04 26.47
N LEU B 375 20.25 -5.23 25.35
CA LEU B 375 21.71 -5.16 25.32
C LEU B 375 22.27 -4.19 24.29
N ASP B 376 21.50 -3.81 23.28
CA ASP B 376 21.92 -2.81 22.30
C ASP B 376 21.51 -1.42 22.79
N ARG B 377 22.27 -0.93 23.76
CA ARG B 377 21.97 0.34 24.41
C ARG B 377 21.93 1.47 23.40
N ILE B 378 20.88 2.27 23.46
CA ILE B 378 20.70 3.40 22.56
C ILE B 378 21.31 4.63 23.19
N LEU B 379 22.30 5.21 22.51
CA LEU B 379 22.99 6.38 23.03
C LEU B 379 22.07 7.60 22.96
N ARG B 380 22.39 8.59 23.80
CA ARG B 380 21.61 9.82 23.85
C ARG B 380 22.55 11.02 23.84
N VAL B 381 22.08 12.11 23.22
CA VAL B 381 22.88 13.31 23.03
C VAL B 381 22.34 14.42 23.93
N GLY B 382 23.24 15.04 24.69
CA GLY B 382 22.84 16.15 25.55
C GLY B 382 21.84 15.76 26.62
N TYR B 383 21.82 14.49 27.01
CA TYR B 383 20.86 14.03 28.01
C TYR B 383 21.09 14.75 29.32
N ASN B 384 20.00 15.25 29.91
CA ASN B 384 20.08 15.97 31.19
C ASN B 384 18.81 15.62 31.97
N ALA B 385 18.92 14.61 32.82
CA ALA B 385 17.82 14.17 33.67
C ALA B 385 18.27 14.25 35.12
N PRO B 386 17.64 15.06 35.96
CA PRO B 386 18.07 15.16 37.36
C PRO B 386 17.91 13.82 38.07
N GLY B 387 18.85 13.52 38.96
CA GLY B 387 18.81 12.28 39.72
C GLY B 387 19.20 11.04 38.96
N ILE B 388 19.80 11.18 37.77
CA ILE B 388 20.17 10.02 36.97
C ILE B 388 21.62 10.16 36.52
N PRO B 389 22.39 9.08 36.46
CA PRO B 389 23.78 9.17 36.00
C PRO B 389 23.89 8.93 34.50
N LEU B 390 24.80 9.67 33.87
CA LEU B 390 25.06 9.58 32.44
C LEU B 390 26.50 9.14 32.20
N TYR B 391 26.67 8.08 31.43
CA TYR B 391 28.00 7.61 31.06
C TYR B 391 28.46 8.37 29.81
N LYS B 392 29.62 9.00 29.90
CA LYS B 392 30.17 9.78 28.80
C LYS B 392 31.66 9.52 28.57
N LYS B 393 32.16 8.33 28.88
CA LYS B 393 33.55 7.98 28.66
C LYS B 393 33.67 7.04 27.47
N MET B 394 34.51 7.40 26.50
CA MET B 394 34.72 6.60 25.31
C MET B 394 36.21 6.39 25.11
N GLU B 395 36.54 5.34 24.36
CA GLU B 395 37.92 5.03 24.02
C GLU B 395 38.04 4.90 22.51
N ALA B 396 38.98 5.64 21.92
CA ALA B 396 39.22 5.61 20.49
C ALA B 396 40.28 4.56 20.20
N VAL B 397 39.91 3.54 19.42
CA VAL B 397 40.80 2.43 19.14
C VAL B 397 40.69 2.06 17.67
N LYS B 398 41.75 1.40 17.17
CA LYS B 398 41.82 0.92 15.81
C LYS B 398 42.10 -0.58 15.88
N LEU B 399 41.05 -1.39 15.78
CA LEU B 399 41.13 -2.84 16.02
C LEU B 399 41.09 -3.68 14.75
N ARG B 400 40.67 -3.11 13.62
CA ARG B 400 40.60 -3.91 12.40
C ARG B 400 40.83 -3.00 11.21
N ASP B 401 41.20 -3.63 10.08
CA ASP B 401 41.42 -2.93 8.82
C ASP B 401 42.48 -1.85 8.97
N LEU B 402 43.71 -2.30 9.25
CA LEU B 402 44.83 -1.38 9.40
C LEU B 402 45.10 -0.56 8.15
N LYS B 403 44.67 -1.03 6.97
CA LYS B 403 44.93 -0.35 5.72
C LYS B 403 43.90 0.72 5.39
N THR B 404 42.83 0.85 6.17
CA THR B 404 41.82 1.85 5.91
C THR B 404 41.81 2.89 7.04
N TYR B 405 41.25 4.05 6.75
CA TYR B 405 41.21 5.15 7.71
C TYR B 405 39.85 5.20 8.42
N SER B 406 39.70 4.29 9.38
CA SER B 406 38.46 4.18 10.14
C SER B 406 38.77 4.10 11.63
N VAL B 407 37.80 4.53 12.44
CA VAL B 407 37.97 4.59 13.89
C VAL B 407 36.82 3.86 14.57
N GLN B 408 37.16 3.03 15.54
CA GLN B 408 36.20 2.36 16.40
C GLN B 408 36.19 3.03 17.76
N LEU B 409 35.00 3.18 18.34
CA LEU B 409 34.84 3.86 19.62
C LEU B 409 34.20 2.89 20.61
N LYS B 410 34.83 2.74 21.78
CA LYS B 410 34.24 2.01 22.88
C LYS B 410 33.59 2.97 23.85
N LEU B 411 32.51 2.51 24.49
CA LEU B 411 31.79 3.32 25.47
C LEU B 411 31.75 2.58 26.79
N TYR B 412 32.58 3.01 27.73
CA TYR B 412 32.64 2.42 29.05
C TYR B 412 31.51 2.97 29.93
N ASP B 413 31.57 2.60 31.20
CA ASP B 413 30.65 3.09 32.21
C ASP B 413 31.45 3.58 33.42
N ASP B 414 30.72 4.01 34.46
CA ASP B 414 31.38 4.51 35.66
C ASP B 414 32.05 3.41 36.47
N LYS B 415 31.73 2.14 36.21
CA LYS B 415 32.30 1.02 36.93
C LYS B 415 33.40 0.31 36.14
N ASN B 416 33.88 0.93 35.06
CA ASN B 416 34.95 0.45 34.19
C ASN B 416 34.48 -0.67 33.28
N ALA B 417 33.19 -1.01 33.26
CA ALA B 417 32.71 -2.02 32.35
C ALA B 417 32.62 -1.47 30.94
N SER B 418 32.67 -2.37 29.97
CA SER B 418 32.61 -2.02 28.55
C SER B 418 31.18 -2.20 28.06
N LEU B 419 30.50 -1.09 27.80
CA LEU B 419 29.13 -1.17 27.31
C LEU B 419 29.06 -1.72 25.89
N GLY B 420 30.07 -1.44 25.07
CA GLY B 420 30.14 -1.92 23.71
C GLY B 420 30.46 -0.80 22.74
N LEU B 421 31.08 -1.19 21.63
CA LEU B 421 31.47 -0.24 20.61
C LEU B 421 30.24 0.38 19.96
N VAL B 422 30.38 1.62 19.52
CA VAL B 422 29.27 2.36 18.94
C VAL B 422 28.88 1.71 17.62
N GLY B 423 27.59 1.49 17.44
CA GLY B 423 27.08 0.86 16.24
C GLY B 423 25.69 1.37 15.92
N THR B 424 24.98 0.63 15.05
CA THR B 424 23.62 0.98 14.66
C THR B 424 22.77 -0.27 14.60
N HIS B 425 21.48 -0.10 14.86
CA HIS B 425 20.49 -1.18 14.80
C HIS B 425 19.23 -0.68 14.13
N ASN B 426 18.53 -1.58 13.44
CA ASN B 426 17.31 -1.24 12.73
C ASN B 426 16.11 -1.58 13.59
N GLY B 427 15.26 -0.58 13.85
CA GLY B 427 14.09 -0.77 14.68
C GLY B 427 13.17 0.43 14.60
N GLN B 428 12.11 0.40 15.41
CA GLN B 428 11.09 1.45 15.46
C GLN B 428 10.96 1.94 16.89
N ILE B 429 11.33 3.18 17.15
CA ILE B 429 11.21 3.78 18.47
C ILE B 429 9.93 4.60 18.51
N GLY B 430 8.97 4.17 19.32
CA GLY B 430 7.70 4.88 19.40
C GLY B 430 6.96 4.82 18.07
N ASN B 431 6.35 5.94 17.71
CA ASN B 431 5.60 6.07 16.46
C ASN B 431 6.48 6.53 15.30
N ASP B 432 7.76 6.76 15.54
CA ASP B 432 8.65 7.18 14.47
C ASP B 432 8.86 6.06 13.46
N PRO B 433 9.15 6.40 12.22
CA PRO B 433 9.37 5.37 11.19
C PRO B 433 10.59 4.53 11.51
N ASN B 434 10.62 3.33 10.93
CA ASN B 434 11.73 2.39 11.10
C ASN B 434 13.00 3.07 10.59
N ARG B 435 14.04 3.07 11.42
CA ARG B 435 15.29 3.75 11.12
C ARG B 435 16.47 2.95 11.66
N ASP B 436 17.67 3.50 11.49
CA ASP B 436 18.90 2.92 12.00
C ASP B 436 19.37 3.80 13.16
N ILE B 437 19.14 3.32 14.37
CA ILE B 437 19.43 4.09 15.57
C ILE B 437 20.85 3.81 16.03
N LEU B 438 21.60 4.87 16.31
CA LEU B 438 22.95 4.72 16.83
C LEU B 438 22.90 4.11 18.22
N ILE B 439 23.56 2.96 18.38
CA ILE B 439 23.56 2.22 19.63
C ILE B 439 25.00 1.87 19.98
N ALA B 440 25.21 1.49 21.23
CA ALA B 440 26.53 1.06 21.68
C ALA B 440 26.36 -0.36 22.26
N SER B 441 26.42 -1.34 21.38
CA SER B 441 26.21 -2.73 21.74
C SER B 441 27.55 -3.42 21.93
N ASN B 442 27.53 -4.51 22.70
CA ASN B 442 28.72 -5.31 22.95
C ASN B 442 28.78 -6.51 22.02
N TRP B 443 27.85 -6.64 21.07
CA TRP B 443 27.82 -7.79 20.17
C TRP B 443 28.96 -7.74 19.16
N TYR B 444 29.45 -6.55 18.83
CA TYR B 444 30.45 -6.43 17.77
C TYR B 444 31.78 -7.07 18.13
N PHE B 445 32.03 -7.33 19.42
CA PHE B 445 33.31 -7.91 19.81
C PHE B 445 33.41 -9.39 19.45
N ASN B 446 32.29 -10.02 19.10
CA ASN B 446 32.30 -11.43 18.75
C ASN B 446 32.48 -11.67 17.24
N HIS B 447 32.46 -10.62 16.42
CA HIS B 447 32.53 -10.77 14.97
C HIS B 447 33.63 -9.88 14.40
N LEU B 448 34.78 -9.83 15.09
CA LEU B 448 35.90 -9.05 14.61
C LEU B 448 36.48 -9.61 13.32
N LYS B 449 36.23 -10.89 13.03
CA LYS B 449 36.76 -11.51 11.83
C LYS B 449 35.86 -11.31 10.62
N ASP B 450 34.73 -10.61 10.78
CA ASP B 450 33.81 -10.40 9.67
C ASP B 450 34.46 -9.52 8.60
N LYS B 451 34.08 -9.77 7.35
CA LYS B 451 34.62 -8.99 6.24
C LYS B 451 34.22 -7.53 6.35
N ILE B 452 32.96 -7.27 6.70
CA ILE B 452 32.45 -5.92 6.87
C ILE B 452 31.71 -5.85 8.21
N LEU B 453 31.97 -4.80 8.97
CA LEU B 453 31.36 -4.61 10.27
C LEU B 453 30.77 -3.21 10.37
N GLY B 454 29.69 -3.09 11.12
CA GLY B 454 28.97 -1.84 11.25
C GLY B 454 29.45 -0.91 12.33
N CYS B 455 30.57 -1.22 12.98
CA CYS B 455 31.09 -0.38 14.06
C CYS B 455 32.17 0.59 13.60
N ASP B 456 32.48 0.65 12.31
CA ASP B 456 33.55 1.49 11.81
C ASP B 456 33.00 2.78 11.24
N TRP B 457 33.66 3.90 11.57
CA TRP B 457 33.22 5.21 11.13
C TRP B 457 34.35 5.95 10.45
N TYR B 458 33.98 6.94 9.65
CA TYR B 458 34.92 7.88 9.03
C TYR B 458 34.73 9.25 9.65
N PHE B 459 35.82 9.84 10.12
CA PHE B 459 35.80 11.23 10.60
C PHE B 459 36.27 12.10 9.44
N VAL B 460 35.33 12.77 8.78
CA VAL B 460 35.62 13.51 7.57
C VAL B 460 35.61 15.01 7.82
N PRO B 461 36.73 15.60 8.23
CA PRO B 461 36.76 17.05 8.42
C PRO B 461 36.70 17.77 7.08
N THR B 462 36.22 19.01 7.12
CA THR B 462 36.14 19.82 5.92
C THR B 462 37.54 20.06 5.37
N ASP B 463 37.70 19.86 4.07
CA ASP B 463 38.99 20.03 3.40
C ASP B 463 38.78 20.81 2.11
N GLU B 464 39.83 21.53 1.71
CA GLU B 464 39.77 22.40 0.54
C GLU B 464 40.07 21.66 -0.76
N GLY B 465 40.33 20.36 -0.69
CA GLY B 465 40.58 19.59 -1.89
C GLY B 465 39.34 18.85 -2.36
N TRP B 466 38.24 19.02 -1.63
CA TRP B 466 36.96 18.41 -1.97
C TRP B 466 35.88 19.48 -1.84
N THR B 467 35.24 19.80 -2.95
CA THR B 467 34.10 20.71 -2.98
C THR B 467 33.01 20.08 -3.83
N ASN B 468 31.80 20.02 -3.29
CA ASN B 468 30.70 19.38 -3.99
C ASN B 468 30.38 20.14 -5.27
N ASP B 469 30.16 19.38 -6.33
CA ASP B 469 29.86 19.96 -7.64
C ASP B 469 28.46 20.54 -7.67
N GLN C 4 -23.67 22.41 -21.89
CA GLN C 4 -22.73 23.23 -22.64
C GLN C 4 -22.29 24.44 -21.82
N VAL C 5 -21.00 24.53 -21.55
CA VAL C 5 -20.45 25.63 -20.78
C VAL C 5 -20.31 26.85 -21.67
N GLN C 6 -20.83 27.98 -21.21
CA GLN C 6 -20.75 29.25 -21.92
C GLN C 6 -19.67 30.10 -21.27
N LEU C 7 -18.73 30.58 -22.09
CA LEU C 7 -17.58 31.35 -21.62
C LEU C 7 -17.65 32.75 -22.22
N VAL C 8 -17.29 33.75 -21.42
CA VAL C 8 -17.21 35.14 -21.86
C VAL C 8 -15.99 35.77 -21.21
N GLU C 9 -15.25 36.55 -21.99
CA GLU C 9 -14.07 37.25 -21.50
C GLU C 9 -14.33 38.75 -21.45
N SER C 10 -13.68 39.41 -20.49
CA SER C 10 -13.84 40.84 -20.30
C SER C 10 -12.57 41.36 -19.62
N GLY C 11 -12.42 42.67 -19.63
CA GLY C 11 -11.27 43.33 -19.08
C GLY C 11 -10.27 43.84 -20.08
N GLY C 12 -10.56 43.75 -21.38
CA GLY C 12 -9.68 44.31 -22.39
C GLY C 12 -9.87 45.81 -22.48
N GLY C 13 -9.09 46.41 -23.38
CA GLY C 13 -9.11 47.84 -23.59
C GLY C 13 -7.72 48.33 -23.88
N LEU C 14 -7.63 49.43 -24.62
CA LEU C 14 -6.37 49.97 -25.10
C LEU C 14 -5.49 50.33 -23.90
N VAL C 15 -4.21 49.97 -24.00
CA VAL C 15 -3.26 50.14 -22.92
C VAL C 15 -2.00 50.80 -23.47
N GLN C 16 -1.48 51.77 -22.72
CA GLN C 16 -0.25 52.44 -23.13
C GLN C 16 0.89 51.42 -23.08
N ALA C 17 1.95 51.70 -23.83
CA ALA C 17 3.04 50.75 -23.93
C ALA C 17 3.68 50.51 -22.56
N GLY C 18 4.05 49.27 -22.30
CA GLY C 18 4.68 48.90 -21.05
C GLY C 18 3.75 48.84 -19.86
N GLY C 19 2.44 48.92 -20.07
CA GLY C 19 1.48 48.90 -18.99
C GLY C 19 1.15 47.51 -18.52
N SER C 20 0.04 47.39 -17.80
CA SER C 20 -0.43 46.12 -17.29
C SER C 20 -1.94 46.04 -17.49
N LEU C 21 -2.45 44.82 -17.61
CA LEU C 21 -3.87 44.63 -17.87
C LEU C 21 -4.27 43.24 -17.39
N ARG C 22 -5.57 43.08 -17.15
CA ARG C 22 -6.13 41.83 -16.64
C ARG C 22 -7.35 41.46 -17.47
N LEU C 23 -7.55 40.16 -17.67
CA LEU C 23 -8.71 39.63 -18.37
C LEU C 23 -9.37 38.58 -17.49
N SER C 24 -10.69 38.67 -17.36
CA SER C 24 -11.49 37.76 -16.54
C SER C 24 -12.37 36.92 -17.44
N CYS C 25 -12.25 35.60 -17.31
CA CYS C 25 -13.02 34.63 -18.09
C CYS C 25 -13.96 33.92 -17.12
N ALA C 26 -15.25 34.28 -17.18
CA ALA C 26 -16.25 33.71 -16.30
C ALA C 26 -17.06 32.66 -17.06
N ALA C 27 -17.23 31.49 -16.45
CA ALA C 27 -17.98 30.40 -17.00
C ALA C 27 -19.36 30.32 -16.32
N SER C 28 -20.14 29.29 -16.65
CA SER C 28 -21.45 29.10 -16.06
C SER C 28 -21.73 27.61 -15.94
N GLY C 29 -22.64 27.27 -15.04
CA GLY C 29 -23.00 25.89 -14.77
C GLY C 29 -22.17 25.34 -13.64
N ARG C 30 -22.71 24.34 -12.94
CA ARG C 30 -21.99 23.74 -11.82
C ARG C 30 -20.72 23.04 -12.28
N THR C 31 -20.74 22.46 -13.48
CA THR C 31 -19.58 21.73 -14.01
C THR C 31 -18.55 22.73 -14.53
N PHE C 32 -17.62 23.08 -13.64
CA PHE C 32 -16.50 23.96 -13.97
C PHE C 32 -15.16 23.45 -13.47
N SER C 33 -15.15 22.58 -12.45
CA SER C 33 -13.92 22.01 -11.94
C SER C 33 -13.46 20.80 -12.74
N ARG C 34 -14.18 20.45 -13.81
CA ARG C 34 -13.87 19.28 -14.64
C ARG C 34 -13.30 19.66 -16.00
N PHE C 35 -12.75 20.86 -16.15
CA PHE C 35 -12.14 21.30 -17.41
C PHE C 35 -10.79 21.94 -17.15
N ILE C 36 -9.84 21.68 -18.05
CA ILE C 36 -8.54 22.35 -18.02
C ILE C 36 -8.67 23.65 -18.80
N MET C 37 -8.67 24.76 -18.09
CA MET C 37 -8.86 26.08 -18.69
C MET C 37 -7.59 26.47 -19.43
N GLY C 38 -7.75 27.22 -20.51
CA GLY C 38 -6.64 27.66 -21.34
C GLY C 38 -6.87 29.08 -21.82
N TRP C 39 -5.88 29.62 -22.52
CA TRP C 39 -5.95 30.97 -23.06
C TRP C 39 -5.23 30.98 -24.41
N PHE C 40 -5.93 31.38 -25.46
CA PHE C 40 -5.39 31.45 -26.82
C PHE C 40 -5.50 32.87 -27.31
N ARG C 41 -4.63 33.21 -28.27
CA ARG C 41 -4.62 34.53 -28.87
C ARG C 41 -4.42 34.39 -30.38
N GLN C 42 -5.02 35.32 -31.12
CA GLN C 42 -5.01 35.30 -32.58
C GLN C 42 -4.62 36.68 -33.08
N ALA C 43 -3.34 36.84 -33.45
CA ALA C 43 -2.83 38.10 -33.96
C ALA C 43 -3.27 38.29 -35.41
N PRO C 44 -3.20 39.53 -35.93
CA PRO C 44 -3.63 39.75 -37.31
C PRO C 44 -2.77 39.00 -38.32
N GLY C 45 -3.40 38.13 -39.09
CA GLY C 45 -2.73 37.38 -40.13
C GLY C 45 -2.14 36.06 -39.71
N LYS C 46 -2.11 35.75 -38.41
CA LYS C 46 -1.58 34.50 -37.90
C LYS C 46 -2.74 33.61 -37.44
N GLU C 47 -2.42 32.34 -37.20
CA GLU C 47 -3.37 31.38 -36.65
C GLU C 47 -3.35 31.47 -35.13
N ARG C 48 -4.36 30.87 -34.50
CA ARG C 48 -4.43 30.85 -33.05
C ARG C 48 -3.20 30.15 -32.49
N GLU C 49 -2.58 30.77 -31.48
CA GLU C 49 -1.42 30.20 -30.81
C GLU C 49 -1.70 30.09 -29.32
N PHE C 50 -1.49 28.90 -28.78
CA PHE C 50 -1.69 28.67 -27.34
C PHE C 50 -0.74 29.53 -26.54
N VAL C 51 -1.26 30.16 -25.48
CA VAL C 51 -0.50 31.08 -24.65
C VAL C 51 -0.20 30.49 -23.27
N ALA C 52 -1.24 30.15 -22.52
CA ALA C 52 -1.05 29.59 -21.18
C ALA C 52 -2.29 28.78 -20.81
N ALA C 53 -2.15 27.98 -19.76
CA ALA C 53 -3.25 27.17 -19.27
C ALA C 53 -3.03 26.85 -17.80
N VAL C 54 -4.13 26.55 -17.11
CA VAL C 54 -4.13 26.27 -15.68
C VAL C 54 -4.85 24.95 -15.45
N GLY C 55 -4.47 24.25 -14.38
CA GLY C 55 -5.04 22.94 -14.10
C GLY C 55 -6.46 22.98 -13.59
N LYS C 56 -7.04 21.80 -13.36
CA LYS C 56 -8.42 21.70 -12.89
C LYS C 56 -8.59 22.11 -11.44
N SER C 57 -7.51 22.34 -10.70
CA SER C 57 -7.59 22.77 -9.31
C SER C 57 -6.85 24.09 -9.06
N GLY C 58 -6.30 24.72 -10.09
CA GLY C 58 -5.61 25.97 -9.92
C GLY C 58 -4.22 25.87 -9.31
N ASP C 59 -3.71 24.65 -9.12
CA ASP C 59 -2.41 24.46 -8.50
C ASP C 59 -1.28 24.57 -9.52
N THR C 60 -1.41 23.87 -10.64
CA THR C 60 -0.38 23.80 -11.67
C THR C 60 -0.72 24.69 -12.84
N THR C 61 0.29 25.33 -13.40
CA THR C 61 0.17 26.18 -14.57
C THR C 61 0.93 25.55 -15.73
N TYR C 62 0.61 25.99 -16.94
CA TYR C 62 1.18 25.41 -18.16
C TYR C 62 1.37 26.56 -19.15
N TYR C 63 2.60 27.03 -19.27
CA TYR C 63 2.93 28.19 -20.10
C TYR C 63 3.56 27.74 -21.42
N ALA C 64 3.28 28.49 -22.48
CA ALA C 64 3.89 28.22 -23.77
C ALA C 64 5.28 28.82 -23.81
N ASP C 65 5.99 28.56 -24.91
CA ASP C 65 7.35 29.06 -25.06
C ASP C 65 7.37 30.57 -25.08
N SER C 66 8.24 31.14 -24.25
CA SER C 66 8.46 32.59 -24.12
C SER C 66 7.32 33.32 -23.44
N MET C 67 6.26 32.62 -23.03
CA MET C 67 5.12 33.25 -22.35
C MET C 67 5.22 33.16 -20.85
N SER C 68 6.31 32.63 -20.30
CA SER C 68 6.51 32.55 -18.87
C SER C 68 7.31 33.76 -18.42
N GLY C 69 6.66 34.66 -17.67
CA GLY C 69 7.31 35.85 -17.16
C GLY C 69 6.49 37.10 -17.41
N ARG C 70 5.86 37.17 -18.58
CA ARG C 70 4.95 38.27 -18.90
C ARG C 70 3.50 37.92 -18.66
N PHE C 71 3.12 36.65 -18.81
CA PHE C 71 1.75 36.20 -18.64
C PHE C 71 1.66 35.36 -17.37
N ALA C 72 0.64 35.65 -16.56
CA ALA C 72 0.36 34.88 -15.35
C ALA C 72 -1.11 34.47 -15.41
N ILE C 73 -1.38 33.20 -15.11
CA ILE C 73 -2.72 32.63 -15.19
C ILE C 73 -3.09 32.06 -13.84
N SER C 74 -4.34 32.31 -13.41
CA SER C 74 -4.84 31.79 -12.16
C SER C 74 -6.36 31.65 -12.29
N ARG C 75 -6.92 30.77 -11.46
CA ARG C 75 -8.36 30.49 -11.48
C ARG C 75 -8.89 30.54 -10.06
N ASP C 76 -10.15 30.96 -9.93
CA ASP C 76 -10.85 31.04 -8.65
C ASP C 76 -12.11 30.19 -8.74
N ASN C 77 -12.09 29.03 -8.09
CA ASN C 77 -13.24 28.14 -8.11
C ASN C 77 -14.45 28.72 -7.39
N ALA C 78 -14.23 29.50 -6.33
CA ALA C 78 -15.35 30.09 -5.60
C ALA C 78 -16.16 31.03 -6.47
N LYS C 79 -15.50 31.88 -7.23
CA LYS C 79 -16.18 32.83 -8.12
C LYS C 79 -16.44 32.25 -9.50
N ASN C 80 -15.93 31.06 -9.81
CA ASN C 80 -16.14 30.41 -11.11
C ASN C 80 -15.62 31.30 -12.24
N THR C 81 -14.33 31.61 -12.21
CA THR C 81 -13.71 32.49 -13.19
C THR C 81 -12.23 32.18 -13.31
N VAL C 82 -11.62 32.75 -14.36
CA VAL C 82 -10.19 32.58 -14.63
C VAL C 82 -9.60 33.97 -14.90
N TYR C 83 -8.36 34.16 -14.47
CA TYR C 83 -7.66 35.42 -14.58
C TYR C 83 -6.39 35.23 -15.40
N LEU C 84 -6.13 36.16 -16.31
CA LEU C 84 -4.88 36.22 -17.07
C LEU C 84 -4.28 37.59 -16.87
N GLN C 85 -3.21 37.67 -16.10
CA GLN C 85 -2.52 38.93 -15.82
C GLN C 85 -1.37 39.08 -16.80
N MET C 86 -1.32 40.24 -17.45
CA MET C 86 -0.29 40.56 -18.43
C MET C 86 0.42 41.83 -17.99
N ILE C 87 1.75 41.84 -18.11
CA ILE C 87 2.56 42.98 -17.74
C ILE C 87 3.60 43.24 -18.83
N SER C 88 4.08 44.48 -18.88
CA SER C 88 5.09 44.89 -19.84
C SER C 88 4.61 44.64 -21.27
N LEU C 89 3.37 45.04 -21.54
CA LEU C 89 2.78 44.82 -22.86
C LEU C 89 3.54 45.59 -23.92
N LYS C 90 3.88 44.91 -25.00
CA LYS C 90 4.55 45.46 -26.17
C LYS C 90 3.59 45.55 -27.33
N PRO C 91 3.95 46.26 -28.40
CA PRO C 91 3.07 46.30 -29.58
C PRO C 91 2.83 44.93 -30.20
N GLU C 92 3.75 43.98 -30.01
CA GLU C 92 3.57 42.65 -30.58
C GLU C 92 2.37 41.94 -29.96
N ASP C 93 1.98 42.31 -28.74
CA ASP C 93 0.88 41.65 -28.05
C ASP C 93 -0.47 42.27 -28.39
N THR C 94 -0.75 42.38 -29.69
CA THR C 94 -2.02 42.90 -30.19
C THR C 94 -2.77 41.74 -30.85
N ALA C 95 -3.89 41.36 -30.26
CA ALA C 95 -4.63 40.20 -30.73
C ALA C 95 -5.96 40.13 -29.97
N VAL C 96 -6.74 39.10 -30.27
CA VAL C 96 -7.99 38.80 -29.57
C VAL C 96 -7.75 37.55 -28.74
N TYR C 97 -7.77 37.71 -27.42
CA TYR C 97 -7.42 36.63 -26.51
C TYR C 97 -8.66 35.81 -26.15
N TYR C 98 -8.67 34.56 -26.58
CA TYR C 98 -9.79 33.65 -26.37
C TYR C 98 -9.57 32.81 -25.13
N CYS C 99 -10.68 32.37 -24.53
CA CYS C 99 -10.68 31.52 -23.35
C CYS C 99 -11.36 30.20 -23.71
N ALA C 100 -10.67 29.10 -23.49
CA ALA C 100 -11.13 27.79 -23.94
C ALA C 100 -11.23 26.84 -22.75
N ALA C 101 -11.93 25.72 -22.97
CA ALA C 101 -12.11 24.68 -21.98
C ALA C 101 -11.86 23.32 -22.60
N ASP C 102 -11.13 22.47 -21.88
CA ASP C 102 -10.79 21.13 -22.33
C ASP C 102 -11.18 20.12 -21.26
N SER C 103 -11.92 19.09 -21.66
CA SER C 103 -12.39 18.05 -20.75
C SER C 103 -11.38 16.90 -20.60
N SER C 104 -10.29 16.90 -21.37
CA SER C 104 -9.34 15.81 -21.35
C SER C 104 -8.59 15.80 -20.01
N TYR C 105 -7.83 14.73 -19.78
CA TYR C 105 -7.03 14.57 -18.57
C TYR C 105 -5.54 14.80 -18.84
N PHE C 106 -5.22 15.56 -19.89
CA PHE C 106 -3.84 15.90 -20.23
C PHE C 106 -3.79 17.36 -20.66
N TYR C 107 -2.64 17.98 -20.42
CA TYR C 107 -2.42 19.34 -20.87
C TYR C 107 -2.20 19.34 -22.38
N HIS C 108 -2.89 20.24 -23.08
CA HIS C 108 -2.84 20.30 -24.54
C HIS C 108 -2.70 21.73 -25.01
N THR C 109 -1.96 21.91 -26.11
CA THR C 109 -1.77 23.21 -26.74
C THR C 109 -2.57 23.36 -28.03
N HIS C 110 -2.91 22.27 -28.70
CA HIS C 110 -3.64 22.35 -29.96
C HIS C 110 -5.05 22.86 -29.71
N GLU C 111 -5.57 23.64 -30.66
CA GLU C 111 -6.93 24.16 -30.52
C GLU C 111 -7.97 23.08 -30.79
N SER C 112 -7.62 22.07 -31.59
CA SER C 112 -8.57 21.01 -31.90
C SER C 112 -8.99 20.25 -30.65
N GLU C 113 -8.05 19.97 -29.76
CA GLU C 113 -8.33 19.21 -28.56
C GLU C 113 -9.31 19.91 -27.63
N TYR C 114 -9.29 21.24 -27.57
CA TYR C 114 -10.15 21.97 -26.66
C TYR C 114 -11.59 21.90 -27.13
N ASP C 115 -12.51 21.71 -26.17
CA ASP C 115 -13.92 21.49 -26.50
C ASP C 115 -14.67 22.79 -26.74
N TYR C 116 -14.78 23.63 -25.71
CA TYR C 116 -15.55 24.86 -25.76
C TYR C 116 -14.63 26.05 -26.00
N TRP C 117 -15.23 27.21 -26.24
CA TRP C 117 -14.49 28.41 -26.58
C TRP C 117 -15.22 29.62 -26.00
N GLY C 118 -14.58 30.78 -26.09
CA GLY C 118 -15.16 32.01 -25.59
C GLY C 118 -15.39 33.01 -26.70
N GLN C 119 -16.19 34.03 -26.39
CA GLN C 119 -16.50 35.06 -27.38
C GLN C 119 -15.24 35.81 -27.79
N GLY C 120 -14.36 36.06 -26.85
CA GLY C 120 -13.11 36.74 -27.11
C GLY C 120 -13.24 38.24 -26.92
N THR C 121 -12.14 38.85 -26.50
CA THR C 121 -12.07 40.29 -26.26
C THR C 121 -10.82 40.85 -26.91
N GLN C 122 -10.90 42.12 -27.30
CA GLN C 122 -9.83 42.79 -28.03
C GLN C 122 -8.92 43.51 -27.05
N VAL C 123 -7.61 43.30 -27.23
CA VAL C 123 -6.57 43.96 -26.44
C VAL C 123 -5.64 44.66 -27.41
N THR C 124 -5.54 45.98 -27.31
CA THR C 124 -4.74 46.74 -28.27
C THR C 124 -3.28 46.76 -27.83
C1 NAG D . 11.16 25.77 -26.43
C2 NAG D . 12.54 26.41 -26.65
C3 NAG D . 12.86 26.40 -28.13
C4 NAG D . 12.71 25.01 -28.71
C5 NAG D . 11.32 24.49 -28.39
C6 NAG D . 11.05 23.10 -28.91
C7 NAG D . 13.34 28.16 -25.13
C8 NAG D . 13.17 29.61 -24.75
N2 NAG D . 12.55 27.74 -26.12
O3 NAG D . 14.17 26.89 -28.27
O4 NAG D . 12.91 25.12 -30.11
O5 NAG D . 11.16 24.48 -26.98
O6 NAG D . 12.04 22.22 -28.45
O7 NAG D . 14.15 27.44 -24.56
C1 NAG D . 14.15 24.47 -30.45
C2 NAG D . 14.27 24.46 -31.99
C3 NAG D . 15.61 23.84 -32.41
C4 NAG D . 16.75 24.55 -31.69
C5 NAG D . 16.48 24.52 -30.17
C6 NAG D . 17.57 25.19 -29.36
C7 NAG D . 12.22 24.31 -33.33
C8 NAG D . 11.17 23.37 -33.86
N2 NAG D . 13.19 23.74 -32.58
O3 NAG D . 15.72 23.95 -33.79
O4 NAG D . 17.94 23.87 -32.02
O5 NAG D . 15.25 25.15 -29.91
O6 NAG D . 18.79 24.51 -29.55
O7 NAG D . 12.19 25.51 -33.57
C1 FUC D . 12.39 21.30 -29.51
C2 FUC D . 13.62 20.52 -29.07
C3 FUC D . 13.31 19.66 -27.86
C4 FUC D . 12.12 18.75 -28.16
C5 FUC D . 10.95 19.61 -28.62
C6 FUC D . 9.73 18.81 -29.03
O2 FUC D . 14.65 21.43 -28.82
O3 FUC D . 14.48 18.95 -27.52
O4 FUC D . 12.53 17.80 -29.11
O5 FUC D . 11.32 20.40 -29.74
C1 NAG E . 8.60 25.25 -3.18
C2 NAG E . 8.34 25.78 -1.77
C3 NAG E . 9.07 27.10 -1.56
C4 NAG E . 10.54 26.94 -1.90
C5 NAG E . 10.69 26.34 -3.30
C6 NAG E . 12.12 26.07 -3.72
C7 NAG E . 6.19 25.14 -0.77
C8 NAG E . 4.73 25.49 -0.68
N2 NAG E . 6.92 25.94 -1.56
O3 NAG E . 8.87 27.50 -0.24
O4 NAG E . 11.11 28.23 -1.82
O5 NAG E . 9.98 25.11 -3.36
O6 NAG E . 12.16 25.62 -5.06
O7 NAG E . 6.66 24.19 -0.15
C1 NAG E . 12.42 28.16 -1.19
C2 NAG E . 13.19 29.41 -1.61
C3 NAG E . 14.56 29.43 -0.93
C4 NAG E . 14.37 29.29 0.58
C5 NAG E . 13.55 28.03 0.86
C6 NAG E . 13.32 27.77 2.34
C7 NAG E . 12.76 30.36 -3.83
C8 NAG E . 13.07 30.23 -5.30
N2 NAG E . 13.36 29.46 -3.04
O3 NAG E . 15.19 30.64 -1.26
O4 NAG E . 15.65 29.23 1.16
O5 NAG E . 12.30 28.13 0.21
O6 NAG E . 12.82 28.94 2.94
O7 NAG E . 12.01 31.23 -3.42
C1 NAG F . 17.70 -1.39 -18.38
C2 NAG F . 17.25 -2.80 -18.81
C3 NAG F . 18.36 -3.80 -18.52
C4 NAG F . 19.67 -3.34 -19.15
C5 NAG F . 19.97 -1.90 -18.71
C6 NAG F . 21.23 -1.34 -19.33
C7 NAG F . 14.88 -3.46 -18.77
C8 NAG F . 13.73 -3.84 -17.88
N2 NAG F . 16.04 -3.18 -18.14
O3 NAG F . 17.96 -5.05 -19.00
O4 NAG F . 20.67 -4.23 -18.74
O5 NAG F . 18.88 -1.07 -19.07
O6 NAG F . 21.14 -1.41 -20.74
O7 NAG F . 14.77 -3.43 -19.99
C2 6UZ G . 26.00 2.62 -9.44
C4 6UZ G . 26.87 1.93 -11.63
C5 6UZ G . 26.33 3.21 -12.35
C6 6UZ G . 25.10 2.98 -13.04
O2 6UZ G . 27.35 2.92 -8.90
O4 6UZ G . 28.22 2.18 -11.25
C1 6UZ G . 25.45 3.87 -10.05
C3 6UZ G . 26.12 1.54 -10.40
O1 6UZ G . 25.54 4.92 -9.12
O3 6UZ G . 24.75 1.10 -10.78
O5 6UZ G . 26.15 4.30 -11.28
O6 6UZ G . 24.80 1.62 -13.11
C1' 6UZ G . 21.81 6.86 -9.55
C2' 6UZ G . 22.99 7.36 -10.30
C3' 6UZ G . 24.01 6.33 -10.43
C4' 6UZ G . 24.42 5.82 -9.09
C5' 6UZ G . 23.23 5.18 -8.35
C6' 6UZ G . 23.62 4.76 -7.06
O1' 6UZ G . 20.92 7.94 -9.38
O3' 6UZ G . 25.19 6.89 -11.13
O5' 6UZ G . 22.14 6.28 -8.25
O6' 6UZ G . 22.49 4.32 -6.36
O2' 6UZ G . 22.56 7.78 -11.64
CA 6UZ G . 19.65 7.60 -8.86
CB 6UZ G . 18.77 8.87 -8.77
CC 6UZ G . 17.56 8.67 -9.71
CD 6UZ G . 16.67 9.95 -9.73
CF 6UZ G . 15.22 9.55 -10.10
CG 6UZ G . 14.53 10.67 -10.95
CH 6UZ G . 13.24 10.08 -11.57
CI 6UZ G . 12.32 11.23 -12.08
CJ 6UZ G . 10.88 10.70 -12.36
CK 6UZ G . 10.70 10.37 -13.86
CL 6UZ G . 9.49 10.25 -14.36
H1 6UZ G . 25.35 2.31 -8.64
H2 6UZ G . 26.86 1.10 -12.32
H3 6UZ G . 27.07 3.55 -13.06
H4 6UZ G . 24.29 3.50 -12.55
H5 6UZ G . 25.20 3.37 -14.05
H6 6UZ G . 27.32 3.73 -8.43
H7 6UZ G . 28.40 3.12 -11.35
H8 6UZ G . 24.39 3.71 -10.29
H9 6UZ G . 26.63 0.71 -9.93
H10 6UZ G . 24.11 1.51 -10.22
H11 6UZ G . 23.91 1.51 -13.41
H12 6UZ G . 21.31 6.11 -10.17
H13 6UZ G . 23.41 8.20 -9.77
H14 6UZ G . 23.56 5.54 -11.03
H15 6UZ G . 24.72 6.69 -8.51
H16 6UZ G . 22.84 4.33 -8.92
H17 6UZ G . 24.34 3.95 -7.14
H18 6UZ G . 24.06 5.59 -6.53
H19 6UZ G . 25.05 6.86 -12.06
H20 6UZ G . 22.06 3.65 -6.87
H21 6UZ G . 22.93 8.63 -11.84
H22 6UZ G . 19.18 6.89 -9.54
H23 6UZ G . 19.76 7.15 -7.89
H24 6UZ G . 19.34 9.73 -9.10
H25 6UZ G . 18.43 9.02 -7.75
H26 6UZ G . 16.96 7.84 -9.35
H27 6UZ G . 17.90 8.47 -10.71
H28 6UZ G . 17.07 10.65 -10.46
H29 6UZ G . 16.69 10.42 -8.75
H30 6UZ G . 14.65 9.38 -9.21
H31 6UZ G . 15.24 8.64 -10.69
H32 6UZ G . 15.20 11.01 -11.73
H33 6UZ G . 14.29 11.51 -10.30
H34 6UZ G . 13.50 9.43 -12.39
H35 6UZ G . 12.72 9.50 -10.82
H36 6UZ G . 12.27 12.01 -11.35
H37 6UZ G . 12.73 11.63 -13.01
H38 6UZ G . 10.16 11.46 -12.08
H39 6UZ G . 10.69 9.80 -11.77
H40 6UZ G . 11.57 10.24 -14.49
H41 6UZ G . 8.62 10.38 -13.73
H42 6UZ G . 9.36 10.03 -15.41
O1 UKX H . -26.87 -14.93 7.03
O2 UKX H . -27.99 -19.05 7.42
N1 UKX H . -26.99 -16.53 8.80
C1 UKX H . -26.39 -15.49 7.96
C2 UKX H . -24.98 -15.23 8.47
C3 UKX H . -24.66 -16.51 9.20
C4 UKX H . -26.00 -16.89 9.80
C5 UKX H . -28.20 -18.63 8.50
C6 UKX H . -28.32 -17.12 8.73
C7 UKX H . -29.21 -16.53 7.64
C8 UKX H . -29.63 -15.11 7.99
N2 UKX H . -28.35 -19.53 9.62
H1 UKX H . -24.98 -14.39 9.16
H2 UKX H . -24.30 -15.05 7.65
H3 UKX H . -23.91 -16.35 9.96
H4 UKX H . -26.02 -17.95 10.02
H5 UKX H . -28.81 -16.96 9.69
H6 UKX H . -28.68 -16.54 6.69
H7 UKX H . -30.10 -17.14 7.55
H8 UKX H . -29.35 -14.44 7.18
H9 UKX H . -30.71 -15.07 8.13
H10 UKX H . -29.14 -14.79 8.90
H11 UKX H . -28.28 -20.52 9.50
H12 UKX H . -28.52 -19.17 10.55
H13 UKX H . -26.15 -16.31 10.71
H14 UKX H . -24.33 -17.28 8.50
#